data_9AYA
#
_entry.id   9AYA
#
_cell.length_a   149.725
_cell.length_b   58.202
_cell.length_c   162.347
_cell.angle_alpha   90.000
_cell.angle_beta   95.590
_cell.angle_gamma   90.000
#
_symmetry.space_group_name_H-M   'C 1 2 1'
#
loop_
_entity.id
_entity.type
_entity.pdbx_description
1 polymer 'RAF proto-oncogene serine/threonine-protein kinase'
2 polymer 'Dual specificity mitogen-activated protein kinase kinase 1'
3 non-polymer "N-[3-fluoro-4-({7-[(3-fluoropyridin-2-yl)oxy]-4-methyl-2-oxo-2H-1-benzopyran-3-yl}methyl)pyridin-2-yl]-N'-methylsulfuric diamide"
4 non-polymer 'PHOSPHOAMINOPHOSPHONIC ACID-ADENYLATE ESTER'
5 non-polymer 'MAGNESIUM ION'
6 water water
#
loop_
_entity_poly.entity_id
_entity_poly.type
_entity_poly.pdbx_seq_one_letter_code
_entity_poly.pdbx_strand_id
1 'polypeptide(L)'
;GDSSDDWEIEASEVMLSTRIGSGSFGTVYKGKWHGDVAVKILKVVDPTPEQFQAFRNEVAVLRKTRHVNILLFMGYMTKD
NLAIVTQWCEGSSLYKHLHVQETKFQMFQLIDIARQTAQGMDYLHAKNIIHRDMKSNNIFLHEGLTVKIGDFGLATVKSR
WSGSQQVEQPTGSVLWMAPEVIRMQDNNPFSFQSDVYSYGIVLYELMTGELPYSHINNRDQIIFMVGRGYASPDLSKLYK
NCPKAMKRLVADCVKKVKEERPLFPQILSSIELLQHSLPK
;
A,C
2 'polypeptide(L)'
;GLEELELDEQQRKRLEAFLTQKQKVGELKDDDFEKISELGAGNGGVVFKVSHKPSGLVMARKLIHLEIKPAIRNQIIREL
QVLHECNSPYIVGFYGAFYSDGEISICMEHMDGGSLDQVLKKAGRIPEQILGKVSIAVIKGLTYLREKHKIMHRDVKPSN
ILVNSRGEIKLCDFGVSGQLIDAMANAFVGTRSYMSPERLQGTHYSVQSDIWSMGLSLVEMAVGRYPIGSGSGSMAIFEL
LDYIVNEPPPKLPSGVFSLEFQDFVNKCLIKNPAERADLKQLMVHAFIKRSDAEEVDFAGWLCSTIGLNQ
;
B,D
#
# COMPACT_ATOMS: atom_id res chain seq x y z
N TRP A 7 -30.88 -5.11 37.77
CA TRP A 7 -29.55 -4.91 37.20
C TRP A 7 -29.34 -3.49 36.70
N GLU A 8 -30.29 -2.60 36.99
CA GLU A 8 -30.16 -1.23 36.54
C GLU A 8 -29.10 -0.51 37.37
N ILE A 9 -28.31 0.33 36.70
CA ILE A 9 -27.21 1.05 37.31
C ILE A 9 -27.54 2.53 37.31
N GLU A 10 -27.34 3.19 38.44
CA GLU A 10 -27.58 4.63 38.52
C GLU A 10 -26.49 5.38 37.77
N ALA A 11 -26.90 6.34 36.93
CA ALA A 11 -25.96 7.01 36.03
C ALA A 11 -24.91 7.84 36.77
N SER A 12 -25.18 8.25 38.01
CA SER A 12 -24.17 9.01 38.75
C SER A 12 -22.94 8.16 39.04
N GLU A 13 -23.12 6.84 39.21
CA GLU A 13 -22.04 5.97 39.64
C GLU A 13 -21.04 5.65 38.54
N VAL A 14 -21.41 5.87 37.28
CA VAL A 14 -20.57 5.49 36.15
C VAL A 14 -19.85 6.71 35.61
N MET A 15 -18.53 6.63 35.52
CA MET A 15 -17.72 7.64 34.88
C MET A 15 -17.35 7.16 33.48
N LEU A 16 -17.36 8.07 32.51
CA LEU A 16 -16.97 7.77 31.14
C LEU A 16 -15.62 8.41 30.87
N SER A 17 -14.62 7.58 30.56
CA SER A 17 -13.24 8.04 30.49
C SER A 17 -12.80 8.30 29.05
N THR A 18 -12.84 7.28 28.20
CA THR A 18 -12.31 7.37 26.84
C THR A 18 -13.33 6.80 25.86
N ARG A 19 -13.67 7.58 24.83
CA ARG A 19 -14.46 7.07 23.72
C ARG A 19 -13.55 6.36 22.73
N ILE A 20 -14.04 5.26 22.16
CA ILE A 20 -13.24 4.49 21.23
C ILE A 20 -13.38 5.07 19.83
N THR A 27 -22.29 4.33 20.24
CA THR A 27 -21.00 4.79 20.75
C THR A 27 -20.56 3.95 21.95
N VAL A 28 -19.25 3.73 22.06
CA VAL A 28 -18.67 2.88 23.10
C VAL A 28 -17.62 3.69 23.87
N TYR A 29 -17.70 3.64 25.19
CA TYR A 29 -16.75 4.29 26.07
C TYR A 29 -16.06 3.26 26.96
N LYS A 30 -14.78 3.48 27.23
CA LYS A 30 -14.12 2.79 28.33
C LYS A 30 -14.43 3.54 29.61
N GLY A 31 -15.16 2.91 30.52
CA GLY A 31 -15.66 3.60 31.69
C GLY A 31 -15.13 3.09 33.00
N LYS A 32 -15.69 3.60 34.09
CA LYS A 32 -15.28 3.20 35.44
C LYS A 32 -16.54 3.02 36.28
N TRP A 33 -16.89 1.76 36.56
CA TRP A 33 -17.94 1.43 37.51
C TRP A 33 -17.45 0.19 38.24
N HIS A 34 -16.99 0.38 39.48
CA HIS A 34 -16.35 -0.69 40.25
C HIS A 34 -15.21 -1.31 39.45
N GLY A 35 -14.42 -0.47 38.80
CA GLY A 35 -13.35 -0.90 37.92
C GLY A 35 -13.64 -0.56 36.48
N ASP A 36 -12.69 -0.91 35.63
CA ASP A 36 -12.85 -0.70 34.19
C ASP A 36 -14.09 -1.44 33.70
N VAL A 37 -14.88 -0.75 32.87
CA VAL A 37 -16.04 -1.34 32.22
C VAL A 37 -16.15 -0.77 30.81
N ALA A 38 -16.91 -1.47 29.99
CA ALA A 38 -17.31 -0.98 28.68
C ALA A 38 -18.76 -0.54 28.75
N VAL A 39 -19.06 0.62 28.16
CA VAL A 39 -20.40 1.19 28.19
C VAL A 39 -20.80 1.48 26.75
N LYS A 40 -21.77 0.73 26.24
CA LYS A 40 -22.31 0.94 24.89
C LYS A 40 -23.55 1.80 25.03
N ILE A 41 -23.42 3.08 24.68
CA ILE A 41 -24.48 4.06 24.89
C ILE A 41 -25.04 4.48 23.54
N LEU A 42 -26.37 4.52 23.45
CA LEU A 42 -27.07 4.95 22.24
C LEU A 42 -27.34 6.45 22.33
N LYS A 43 -26.64 7.23 21.52
CA LYS A 43 -26.73 8.69 21.59
C LYS A 43 -27.92 9.16 20.73
N VAL A 44 -29.11 9.04 21.32
CA VAL A 44 -30.37 9.49 20.72
C VAL A 44 -31.30 9.91 21.85
N VAL A 45 -31.86 11.12 21.75
CA VAL A 45 -32.69 11.64 22.84
C VAL A 45 -34.18 11.37 22.63
N ASP A 46 -34.58 10.94 21.43
CA ASP A 46 -35.97 10.56 21.14
C ASP A 46 -35.97 9.08 20.77
N PRO A 47 -35.88 8.19 21.75
CA PRO A 47 -35.81 6.76 21.44
C PRO A 47 -37.08 6.25 20.77
N THR A 48 -36.96 5.82 19.52
CA THR A 48 -38.08 5.24 18.80
C THR A 48 -38.56 3.97 19.52
N PRO A 49 -39.84 3.63 19.40
CA PRO A 49 -40.32 2.38 20.02
C PRO A 49 -39.60 1.14 19.50
N GLU A 50 -38.99 1.22 18.32
CA GLU A 50 -38.17 0.12 17.84
C GLU A 50 -36.81 0.07 18.54
N GLN A 51 -36.17 1.23 18.71
CA GLN A 51 -34.93 1.29 19.48
C GLN A 51 -35.15 0.80 20.91
N PHE A 52 -36.35 1.02 21.46
CA PHE A 52 -36.66 0.54 22.81
C PHE A 52 -36.66 -0.98 22.87
N GLN A 53 -37.45 -1.62 22.01
CA GLN A 53 -37.55 -3.07 22.00
C GLN A 53 -36.20 -3.72 21.71
N ALA A 54 -35.35 -3.04 20.93
CA ALA A 54 -34.01 -3.56 20.66
C ALA A 54 -33.15 -3.53 21.92
N PHE A 55 -33.22 -2.43 22.67
CA PHE A 55 -32.48 -2.33 23.93
C PHE A 55 -32.94 -3.38 24.93
N ARG A 56 -34.26 -3.56 25.06
CA ARG A 56 -34.79 -4.49 26.04
C ARG A 56 -34.52 -5.94 25.65
N ASN A 57 -34.48 -6.23 24.35
CA ASN A 57 -34.22 -7.61 23.93
C ASN A 57 -32.75 -7.97 24.15
N GLU A 58 -31.83 -7.04 23.86
CA GLU A 58 -30.42 -7.31 24.10
C GLU A 58 -30.13 -7.46 25.58
N VAL A 59 -30.72 -6.59 26.42
CA VAL A 59 -30.61 -6.77 27.86
C VAL A 59 -31.20 -8.10 28.28
N ALA A 60 -32.31 -8.52 27.66
CA ALA A 60 -32.95 -9.77 28.06
C ALA A 60 -32.09 -10.97 27.69
N VAL A 61 -31.38 -10.90 26.56
CA VAL A 61 -30.49 -11.99 26.17
C VAL A 61 -29.28 -12.03 27.08
N LEU A 62 -28.60 -10.89 27.23
CA LEU A 62 -27.45 -10.80 28.14
C LEU A 62 -27.81 -11.24 29.56
N ARG A 63 -29.03 -10.97 30.01
CA ARG A 63 -29.45 -11.35 31.36
C ARG A 63 -29.42 -12.85 31.59
N LYS A 64 -29.46 -13.65 30.52
CA LYS A 64 -29.52 -15.11 30.64
C LYS A 64 -28.17 -15.77 30.51
N THR A 65 -27.08 -15.01 30.32
CA THR A 65 -25.77 -15.58 30.05
C THR A 65 -24.89 -15.49 31.29
N ARG A 66 -24.47 -16.65 31.81
CA ARG A 66 -23.44 -16.72 32.85
C ARG A 66 -22.46 -17.82 32.43
N HIS A 67 -21.45 -17.43 31.66
CA HIS A 67 -20.50 -18.40 31.12
C HIS A 67 -19.19 -17.68 30.82
N VAL A 68 -18.08 -18.41 30.99
CA VAL A 68 -16.77 -17.79 30.93
C VAL A 68 -16.41 -17.35 29.51
N ASN A 69 -17.05 -17.92 28.50
CA ASN A 69 -16.77 -17.59 27.11
C ASN A 69 -17.77 -16.60 26.52
N ILE A 70 -18.69 -16.10 27.34
CA ILE A 70 -19.61 -15.04 26.94
C ILE A 70 -19.21 -13.78 27.68
N LEU A 71 -19.03 -12.68 26.93
CA LEU A 71 -18.76 -11.37 27.52
C LEU A 71 -19.70 -11.10 28.68
N LEU A 72 -19.13 -10.70 29.82
CA LEU A 72 -19.91 -10.59 31.05
C LEU A 72 -20.79 -9.35 31.03
N PHE A 73 -22.10 -9.56 31.06
CA PHE A 73 -23.04 -8.47 31.27
C PHE A 73 -23.04 -8.02 32.72
N MET A 74 -23.02 -6.71 32.94
CA MET A 74 -22.97 -6.17 34.28
C MET A 74 -24.16 -5.28 34.64
N GLY A 75 -24.76 -4.59 33.68
CA GLY A 75 -25.93 -3.78 33.97
C GLY A 75 -26.30 -2.89 32.79
N TYR A 76 -27.41 -2.18 32.98
CA TYR A 76 -27.96 -1.25 31.99
C TYR A 76 -28.32 0.07 32.64
N MET A 77 -28.17 1.15 31.87
CA MET A 77 -28.53 2.49 32.31
C MET A 77 -29.67 3.01 31.44
N THR A 78 -30.80 3.31 32.07
CA THR A 78 -31.96 3.86 31.36
C THR A 78 -32.04 5.38 31.43
N LYS A 79 -31.64 5.98 32.55
CA LYS A 79 -31.65 7.43 32.65
C LYS A 79 -30.64 8.02 31.66
N ASP A 80 -30.86 9.28 31.30
CA ASP A 80 -30.11 9.97 30.23
C ASP A 80 -30.31 9.14 28.96
N ASN A 81 -29.25 8.71 28.28
CA ASN A 81 -29.39 7.85 27.12
C ASN A 81 -29.37 6.39 27.56
N LEU A 82 -29.95 5.53 26.73
CA LEU A 82 -29.91 4.09 26.99
C LEU A 82 -28.49 3.58 26.82
N ALA A 83 -28.09 2.66 27.71
CA ALA A 83 -26.73 2.13 27.65
C ALA A 83 -26.70 0.75 28.26
N ILE A 84 -25.71 -0.04 27.83
CA ILE A 84 -25.46 -1.37 28.37
C ILE A 84 -24.01 -1.43 28.85
N VAL A 85 -23.81 -2.01 30.03
CA VAL A 85 -22.52 -2.05 30.71
C VAL A 85 -22.03 -3.50 30.75
N THR A 86 -20.81 -3.72 30.25
CA THR A 86 -20.17 -5.03 30.24
C THR A 86 -18.76 -4.90 30.81
N GLN A 87 -18.13 -6.06 31.05
CA GLN A 87 -16.74 -6.04 31.47
C GLN A 87 -15.86 -5.44 30.38
N TRP A 88 -14.79 -4.78 30.80
CA TRP A 88 -13.79 -4.26 29.87
C TRP A 88 -12.76 -5.33 29.60
N CYS A 89 -12.79 -5.90 28.39
CA CYS A 89 -11.79 -6.89 28.00
C CYS A 89 -10.50 -6.18 27.60
N GLU A 90 -9.38 -6.71 28.07
CA GLU A 90 -8.08 -6.17 27.68
C GLU A 90 -7.56 -6.99 26.50
N GLY A 91 -7.20 -6.29 25.43
CA GLY A 91 -6.70 -6.97 24.26
C GLY A 91 -7.36 -6.51 22.98
N SER A 92 -7.68 -7.45 22.09
CA SER A 92 -8.22 -7.13 20.79
C SER A 92 -9.22 -8.20 20.38
N SER A 93 -10.08 -7.85 19.42
CA SER A 93 -10.97 -8.81 18.82
C SER A 93 -10.20 -9.76 17.90
N LEU A 94 -10.78 -10.95 17.67
CA LEU A 94 -10.15 -11.93 16.81
C LEU A 94 -9.95 -11.38 15.40
N TYR A 95 -10.90 -10.59 14.91
CA TYR A 95 -10.72 -9.94 13.61
C TYR A 95 -9.45 -9.09 13.60
N LYS A 96 -9.25 -8.29 14.64
CA LYS A 96 -8.08 -7.43 14.70
C LYS A 96 -6.79 -8.25 14.75
N HIS A 97 -6.78 -9.35 15.52
CA HIS A 97 -5.60 -10.20 15.57
C HIS A 97 -5.31 -10.82 14.20
N LEU A 98 -6.33 -11.33 13.53
CA LEU A 98 -6.11 -12.13 12.34
C LEU A 98 -5.83 -11.28 11.11
N HIS A 99 -6.54 -10.16 10.95
CA HIS A 99 -6.53 -9.44 9.69
C HIS A 99 -5.91 -8.05 9.77
N VAL A 100 -5.69 -7.52 10.97
CA VAL A 100 -5.09 -6.20 11.11
C VAL A 100 -3.68 -6.37 11.67
N GLN A 101 -3.58 -6.75 12.94
CA GLN A 101 -2.28 -6.93 13.58
C GLN A 101 -1.55 -8.15 13.05
N GLU A 102 -2.25 -9.08 12.41
CA GLU A 102 -1.66 -10.30 11.86
C GLU A 102 -0.83 -11.05 12.91
N THR A 103 -1.44 -11.24 14.08
CA THR A 103 -0.84 -12.03 15.13
C THR A 103 -0.56 -13.44 14.63
N LYS A 104 0.64 -13.94 14.93
CA LYS A 104 1.07 -15.27 14.48
C LYS A 104 0.69 -16.28 15.55
N PHE A 105 -0.51 -16.83 15.45
CA PHE A 105 -0.95 -17.85 16.38
C PHE A 105 -0.39 -19.21 15.98
N GLN A 106 0.00 -20.00 16.97
CA GLN A 106 0.32 -21.40 16.70
C GLN A 106 -0.96 -22.16 16.38
N MET A 107 -0.80 -23.32 15.74
CA MET A 107 -1.98 -24.09 15.35
C MET A 107 -2.77 -24.56 16.56
N PHE A 108 -2.09 -24.92 17.66
CA PHE A 108 -2.85 -25.34 18.82
C PHE A 108 -3.58 -24.15 19.46
N GLN A 109 -3.00 -22.96 19.35
CA GLN A 109 -3.73 -21.76 19.78
C GLN A 109 -4.94 -21.52 18.91
N LEU A 110 -4.78 -21.62 17.58
CA LEU A 110 -5.91 -21.48 16.68
C LEU A 110 -7.01 -22.48 17.02
N ILE A 111 -6.63 -23.73 17.29
CA ILE A 111 -7.61 -24.74 17.66
C ILE A 111 -8.21 -24.44 19.03
N ASP A 112 -7.42 -23.83 19.93
CA ASP A 112 -7.97 -23.49 21.23
C ASP A 112 -9.00 -22.37 21.13
N ILE A 113 -8.78 -21.43 20.21
CA ILE A 113 -9.76 -20.38 19.95
C ILE A 113 -11.03 -20.96 19.35
N ALA A 114 -10.87 -21.95 18.45
CA ALA A 114 -12.03 -22.63 17.90
C ALA A 114 -12.81 -23.36 18.99
N ARG A 115 -12.11 -23.99 19.92
CA ARG A 115 -12.77 -24.73 20.99
C ARG A 115 -13.54 -23.80 21.92
N GLN A 116 -12.89 -22.72 22.37
CA GLN A 116 -13.55 -21.82 23.32
C GLN A 116 -14.75 -21.13 22.70
N THR A 117 -14.70 -20.85 21.39
CA THR A 117 -15.85 -20.25 20.73
C THR A 117 -17.00 -21.25 20.64
N ALA A 118 -16.70 -22.49 20.24
CA ALA A 118 -17.73 -23.53 20.24
C ALA A 118 -18.30 -23.74 21.63
N GLN A 119 -17.47 -23.62 22.65
CA GLN A 119 -17.94 -23.70 24.03
C GLN A 119 -19.03 -22.68 24.30
N GLY A 120 -18.75 -21.40 24.02
CA GLY A 120 -19.73 -20.36 24.29
C GLY A 120 -20.97 -20.49 23.44
N MET A 121 -20.81 -20.84 22.16
CA MET A 121 -21.95 -21.06 21.29
C MET A 121 -22.80 -22.23 21.78
N ASP A 122 -22.15 -23.31 22.22
CA ASP A 122 -22.89 -24.43 22.78
C ASP A 122 -23.66 -24.03 24.04
N TYR A 123 -23.12 -23.11 24.83
CA TYR A 123 -23.90 -22.59 25.94
C TYR A 123 -25.08 -21.78 25.46
N LEU A 124 -24.88 -20.92 24.45
CA LEU A 124 -25.96 -20.04 24.01
C LEU A 124 -27.12 -20.84 23.44
N HIS A 125 -26.82 -21.80 22.58
CA HIS A 125 -27.88 -22.59 21.96
C HIS A 125 -28.61 -23.44 22.99
N ALA A 126 -27.89 -23.94 24.01
CA ALA A 126 -28.54 -24.70 25.06
C ALA A 126 -29.56 -23.85 25.81
N LYS A 127 -29.38 -22.54 25.81
CA LYS A 127 -30.37 -21.61 26.35
C LYS A 127 -31.25 -20.98 25.26
N ASN A 128 -31.29 -21.59 24.07
CA ASN A 128 -32.15 -21.13 22.97
C ASN A 128 -31.85 -19.70 22.55
N ILE A 129 -30.57 -19.35 22.61
CA ILE A 129 -30.09 -18.05 22.11
C ILE A 129 -29.53 -18.27 20.71
N ILE A 130 -30.12 -17.60 19.72
CA ILE A 130 -29.51 -17.50 18.40
C ILE A 130 -28.73 -16.20 18.39
N HIS A 131 -27.44 -16.28 18.07
CA HIS A 131 -26.66 -15.04 18.05
C HIS A 131 -27.04 -14.16 16.87
N ARG A 132 -27.09 -14.75 15.66
CA ARG A 132 -27.47 -14.11 14.40
C ARG A 132 -26.45 -13.10 13.89
N ASP A 133 -25.32 -12.90 14.58
CA ASP A 133 -24.33 -11.94 14.12
C ASP A 133 -22.94 -12.43 14.50
N MET A 134 -22.71 -13.75 14.41
CA MET A 134 -21.43 -14.32 14.78
C MET A 134 -20.41 -14.01 13.70
N LYS A 135 -19.33 -13.34 14.10
CA LYS A 135 -18.29 -12.93 13.19
C LYS A 135 -17.00 -12.76 13.99
N SER A 136 -15.89 -12.69 13.26
CA SER A 136 -14.58 -12.48 13.87
C SER A 136 -14.55 -11.25 14.78
N ASN A 137 -15.26 -10.18 14.41
CA ASN A 137 -15.19 -8.94 15.17
C ASN A 137 -15.88 -9.03 16.52
N ASN A 138 -16.80 -9.98 16.67
CA ASN A 138 -17.60 -10.12 17.88
C ASN A 138 -17.03 -11.17 18.82
N ILE A 139 -15.82 -11.66 18.53
CA ILE A 139 -15.07 -12.55 19.41
C ILE A 139 -13.89 -11.76 19.94
N PHE A 140 -13.82 -11.60 21.26
CA PHE A 140 -12.72 -10.87 21.88
C PHE A 140 -11.79 -11.87 22.57
N LEU A 141 -10.49 -11.71 22.34
CA LEU A 141 -9.47 -12.52 22.99
C LEU A 141 -9.02 -11.80 24.26
N HIS A 142 -9.72 -12.08 25.35
CA HIS A 142 -9.40 -11.43 26.62
C HIS A 142 -8.12 -11.99 27.19
N GLU A 143 -7.19 -11.11 27.54
CA GLU A 143 -5.87 -11.48 28.07
C GLU A 143 -5.08 -12.41 27.14
N GLY A 144 -5.48 -12.52 25.88
CA GLY A 144 -4.78 -13.39 24.94
C GLY A 144 -5.15 -14.85 25.16
N LEU A 145 -5.89 -15.10 26.24
CA LEU A 145 -6.15 -16.47 26.68
C LEU A 145 -7.59 -16.91 26.44
N THR A 146 -8.56 -16.06 26.77
CA THR A 146 -9.95 -16.48 26.89
C THR A 146 -10.82 -15.78 25.85
N VAL A 147 -11.61 -16.58 25.15
CA VAL A 147 -12.58 -16.08 24.18
C VAL A 147 -13.78 -15.49 24.92
N LYS A 148 -14.24 -14.32 24.48
CA LYS A 148 -15.45 -13.69 24.98
C LYS A 148 -16.33 -13.34 23.78
N ILE A 149 -17.45 -14.05 23.63
CA ILE A 149 -18.40 -13.74 22.57
C ILE A 149 -19.25 -12.56 23.00
N GLY A 150 -19.36 -11.57 22.13
CA GLY A 150 -20.04 -10.35 22.50
C GLY A 150 -20.97 -9.85 21.42
N ASP A 151 -21.41 -8.60 21.55
CA ASP A 151 -22.37 -7.94 20.67
C ASP A 151 -23.61 -8.78 20.42
N PHE A 152 -24.60 -8.66 21.32
CA PHE A 152 -25.87 -9.37 21.20
C PHE A 152 -26.99 -8.45 20.71
N GLY A 153 -26.63 -7.36 20.04
CA GLY A 153 -27.58 -6.42 19.45
C GLY A 153 -28.50 -7.02 18.41
N LEU A 154 -28.16 -8.18 17.84
CA LEU A 154 -29.04 -8.90 16.94
C LEU A 154 -29.50 -10.22 17.50
N ALA A 155 -29.08 -10.58 18.72
CA ALA A 155 -29.41 -11.88 19.27
C ALA A 155 -30.90 -11.97 19.57
N THR A 156 -31.42 -13.19 19.51
CA THR A 156 -32.82 -13.43 19.81
C THR A 156 -32.93 -14.73 20.58
N VAL A 157 -34.01 -14.85 21.34
CA VAL A 157 -34.31 -16.07 22.08
C VAL A 157 -35.38 -16.82 21.30
N LYS A 158 -35.05 -18.05 20.90
CA LYS A 158 -36.01 -18.88 20.17
C LYS A 158 -37.23 -19.17 21.03
N SER A 159 -38.41 -19.07 20.42
CA SER A 159 -39.68 -19.37 21.09
C SER A 159 -40.49 -20.37 20.26
N ARG A 160 -41.74 -20.57 20.64
CA ARG A 160 -42.64 -21.40 19.85
C ARG A 160 -43.00 -20.71 18.53
N TRP A 161 -43.42 -19.44 18.60
CA TRP A 161 -43.80 -18.68 17.43
C TRP A 161 -42.61 -18.00 16.75
N SER A 162 -41.39 -18.20 17.24
CA SER A 162 -40.25 -17.49 16.67
C SER A 162 -39.95 -17.97 15.26
N GLY A 163 -39.95 -19.29 15.06
CA GLY A 163 -39.60 -19.84 13.76
C GLY A 163 -40.60 -19.55 12.67
N SER A 164 -41.81 -19.12 13.03
CA SER A 164 -42.84 -18.82 12.04
C SER A 164 -43.04 -17.32 11.82
N GLN A 165 -42.59 -16.47 12.73
CA GLN A 165 -42.72 -15.03 12.54
C GLN A 165 -41.84 -14.55 11.39
N GLN A 166 -42.25 -13.44 10.79
CA GLN A 166 -41.46 -12.81 9.72
C GLN A 166 -40.49 -11.82 10.37
N VAL A 167 -39.20 -12.18 10.39
CA VAL A 167 -38.18 -11.28 10.89
C VAL A 167 -37.91 -10.19 9.87
N GLU A 168 -37.35 -9.07 10.34
CA GLU A 168 -36.98 -7.99 9.45
C GLU A 168 -35.80 -8.40 8.57
N GLN A 169 -35.44 -7.51 7.64
CA GLN A 169 -34.33 -7.80 6.75
C GLN A 169 -33.03 -7.95 7.54
N PRO A 170 -32.14 -8.84 7.12
CA PRO A 170 -30.84 -8.92 7.78
C PRO A 170 -29.99 -7.71 7.45
N THR A 171 -29.25 -7.23 8.45
CA THR A 171 -28.41 -6.04 8.30
C THR A 171 -26.99 -6.27 8.74
N GLY A 172 -26.58 -7.53 8.94
CA GLY A 172 -25.23 -7.84 9.38
C GLY A 172 -24.29 -8.09 8.22
N SER A 173 -23.07 -8.47 8.57
CA SER A 173 -22.01 -8.63 7.59
C SER A 173 -22.28 -9.82 6.68
N VAL A 174 -22.04 -9.63 5.38
CA VAL A 174 -22.40 -10.64 4.39
C VAL A 174 -21.49 -11.86 4.48
N LEU A 175 -20.23 -11.69 4.85
CA LEU A 175 -19.26 -12.78 4.74
C LEU A 175 -19.62 -13.96 5.64
N TRP A 176 -20.34 -13.70 6.73
CA TRP A 176 -20.65 -14.73 7.72
C TRP A 176 -22.09 -15.21 7.67
N MET A 177 -22.92 -14.65 6.79
CA MET A 177 -24.33 -15.03 6.71
C MET A 177 -24.50 -16.34 5.96
N ALA A 178 -25.31 -17.23 6.53
CA ALA A 178 -25.66 -18.48 5.88
C ALA A 178 -26.42 -18.20 4.59
N PRO A 179 -26.33 -19.10 3.60
CA PRO A 179 -27.02 -18.85 2.33
C PRO A 179 -28.53 -18.68 2.47
N GLU A 180 -29.16 -19.43 3.38
CA GLU A 180 -30.60 -19.29 3.54
C GLU A 180 -30.95 -17.95 4.19
N VAL A 181 -30.05 -17.39 4.99
CA VAL A 181 -30.30 -16.08 5.59
C VAL A 181 -30.16 -14.99 4.54
N ILE A 182 -29.21 -15.15 3.61
CA ILE A 182 -29.11 -14.24 2.47
C ILE A 182 -30.35 -14.34 1.60
N ARG A 183 -30.83 -15.56 1.35
CA ARG A 183 -31.94 -15.73 0.42
C ARG A 183 -33.25 -15.18 0.98
N MET A 184 -33.42 -15.23 2.30
CA MET A 184 -34.62 -14.68 2.95
C MET A 184 -35.91 -15.25 2.39
N GLN A 185 -35.85 -16.49 1.89
CA GLN A 185 -37.03 -17.12 1.34
C GLN A 185 -37.92 -17.73 2.41
N ASP A 186 -37.38 -17.93 3.61
CA ASP A 186 -38.19 -18.27 4.77
C ASP A 186 -38.58 -16.99 5.51
N ASN A 187 -39.63 -17.11 6.35
CA ASN A 187 -39.99 -16.00 7.21
C ASN A 187 -38.88 -15.72 8.22
N ASN A 188 -38.39 -16.76 8.89
CA ASN A 188 -37.25 -16.66 9.79
C ASN A 188 -36.21 -17.69 9.37
N PRO A 189 -35.18 -17.27 8.62
CA PRO A 189 -34.15 -18.22 8.18
C PRO A 189 -33.07 -18.50 9.21
N PHE A 190 -33.11 -17.87 10.38
CA PHE A 190 -32.09 -18.10 11.38
C PHE A 190 -32.40 -19.37 12.17
N SER A 191 -31.34 -20.02 12.62
CA SER A 191 -31.47 -21.24 13.40
C SER A 191 -30.14 -21.51 14.08
N PHE A 192 -30.07 -22.63 14.80
CA PHE A 192 -28.77 -23.08 15.29
C PHE A 192 -27.80 -23.30 14.13
N GLN A 193 -28.30 -23.84 13.01
CA GLN A 193 -27.41 -24.16 11.90
C GLN A 193 -26.91 -22.90 11.20
N SER A 194 -27.67 -21.80 11.21
CA SER A 194 -27.13 -20.57 10.62
C SER A 194 -26.00 -20.01 11.47
N ASP A 195 -26.11 -20.08 12.81
CA ASP A 195 -24.97 -19.71 13.66
C ASP A 195 -23.79 -20.63 13.41
N VAL A 196 -24.03 -21.93 13.25
CA VAL A 196 -22.96 -22.87 12.92
C VAL A 196 -22.24 -22.43 11.66
N TYR A 197 -22.99 -22.04 10.62
CA TYR A 197 -22.36 -21.57 9.39
C TYR A 197 -21.44 -20.38 9.65
N SER A 198 -21.96 -19.37 10.37
CA SER A 198 -21.14 -18.21 10.73
C SER A 198 -19.90 -18.64 11.49
N TYR A 199 -20.06 -19.57 12.43
CA TYR A 199 -18.92 -20.10 13.16
C TYR A 199 -17.96 -20.80 12.21
N GLY A 200 -18.49 -21.51 11.20
CA GLY A 200 -17.64 -22.14 10.21
C GLY A 200 -16.77 -21.13 9.47
N ILE A 201 -17.34 -19.96 9.15
CA ILE A 201 -16.56 -18.93 8.50
C ILE A 201 -15.49 -18.40 9.44
N VAL A 202 -15.79 -18.33 10.75
CA VAL A 202 -14.75 -17.99 11.72
C VAL A 202 -13.65 -19.04 11.71
N LEU A 203 -14.03 -20.32 11.66
CA LEU A 203 -13.02 -21.37 11.48
C LEU A 203 -12.22 -21.16 10.21
N TYR A 204 -12.88 -20.75 9.13
CA TYR A 204 -12.15 -20.50 7.89
C TYR A 204 -11.12 -19.40 8.10
N GLU A 205 -11.48 -18.35 8.84
CA GLU A 205 -10.51 -17.29 9.11
C GLU A 205 -9.35 -17.79 9.96
N LEU A 206 -9.65 -18.60 10.98
CA LEU A 206 -8.57 -19.09 11.86
C LEU A 206 -7.60 -19.95 11.06
N MET A 207 -8.11 -20.87 10.26
CA MET A 207 -7.31 -21.89 9.59
C MET A 207 -6.81 -21.47 8.21
N THR A 208 -7.03 -20.22 7.80
CA THR A 208 -6.39 -19.69 6.60
C THR A 208 -5.76 -18.33 6.78
N GLY A 209 -6.05 -17.62 7.87
CA GLY A 209 -5.58 -16.27 8.02
C GLY A 209 -6.20 -15.25 7.09
N GLU A 210 -7.24 -15.63 6.35
CA GLU A 210 -7.85 -14.77 5.36
C GLU A 210 -9.37 -14.80 5.49
N LEU A 211 -10.00 -13.78 4.93
CA LEU A 211 -11.45 -13.76 4.80
C LEU A 211 -11.86 -14.56 3.57
N PRO A 212 -13.10 -15.04 3.52
CA PRO A 212 -13.57 -15.76 2.34
C PRO A 212 -13.81 -14.82 1.17
N TYR A 213 -13.79 -15.41 -0.04
CA TYR A 213 -14.09 -14.69 -1.28
C TYR A 213 -13.19 -13.47 -1.46
N SER A 214 -11.90 -13.64 -1.18
CA SER A 214 -10.94 -12.56 -1.36
C SER A 214 -10.78 -12.16 -2.82
N HIS A 215 -11.17 -13.02 -3.76
CA HIS A 215 -11.08 -12.69 -5.17
C HIS A 215 -12.28 -11.89 -5.67
N ILE A 216 -13.34 -11.75 -4.86
CA ILE A 216 -14.54 -11.02 -5.24
C ILE A 216 -14.58 -9.75 -4.43
N ASN A 217 -14.47 -8.60 -5.10
CA ASN A 217 -14.48 -7.31 -4.43
C ASN A 217 -15.79 -6.55 -4.66
N ASN A 218 -16.84 -7.26 -5.05
CA ASN A 218 -18.16 -6.69 -5.29
C ASN A 218 -19.10 -7.20 -4.20
N ARG A 219 -19.68 -6.26 -3.44
CA ARG A 219 -20.57 -6.63 -2.36
C ARG A 219 -21.78 -7.40 -2.89
N ASP A 220 -22.48 -6.84 -3.88
CA ASP A 220 -23.70 -7.47 -4.37
C ASP A 220 -23.42 -8.81 -5.03
N GLN A 221 -22.25 -8.95 -5.66
CA GLN A 221 -21.90 -10.22 -6.31
C GLN A 221 -21.75 -11.33 -5.28
N ILE A 222 -21.12 -11.04 -4.14
CA ILE A 222 -21.03 -12.02 -3.06
C ILE A 222 -22.42 -12.42 -2.59
N ILE A 223 -23.31 -11.44 -2.39
CA ILE A 223 -24.69 -11.74 -2.00
C ILE A 223 -25.35 -12.68 -3.00
N PHE A 224 -25.24 -12.34 -4.29
CA PHE A 224 -25.91 -13.13 -5.33
C PHE A 224 -25.30 -14.52 -5.47
N MET A 225 -23.98 -14.62 -5.48
CA MET A 225 -23.32 -15.89 -5.74
C MET A 225 -23.37 -16.84 -4.54
N VAL A 226 -23.28 -16.32 -3.31
CA VAL A 226 -23.47 -17.18 -2.15
C VAL A 226 -24.93 -17.63 -2.07
N GLY A 227 -25.87 -16.71 -2.33
CA GLY A 227 -27.27 -17.07 -2.25
C GLY A 227 -27.67 -18.14 -3.23
N ARG A 228 -27.17 -18.05 -4.47
CA ARG A 228 -27.44 -19.05 -5.50
C ARG A 228 -26.67 -20.34 -5.29
N GLY A 229 -25.67 -20.35 -4.41
CA GLY A 229 -24.81 -21.51 -4.24
C GLY A 229 -23.64 -21.58 -5.21
N TYR A 230 -23.41 -20.54 -6.00
CA TYR A 230 -22.30 -20.58 -6.96
C TYR A 230 -20.95 -20.41 -6.28
N ALA A 231 -20.88 -19.63 -5.21
CA ALA A 231 -19.64 -19.41 -4.49
C ALA A 231 -19.68 -20.07 -3.12
N SER A 232 -18.50 -20.39 -2.61
CA SER A 232 -18.31 -20.97 -1.30
C SER A 232 -16.85 -20.80 -0.91
N PRO A 233 -16.52 -20.88 0.38
CA PRO A 233 -15.13 -20.63 0.80
C PRO A 233 -14.16 -21.64 0.18
N ASP A 234 -12.97 -21.14 -0.18
CA ASP A 234 -11.96 -21.93 -0.87
C ASP A 234 -11.19 -22.74 0.17
N LEU A 235 -11.55 -24.02 0.30
CA LEU A 235 -10.93 -24.87 1.32
C LEU A 235 -9.50 -25.25 0.98
N SER A 236 -9.07 -25.05 -0.26
CA SER A 236 -7.68 -25.30 -0.62
C SER A 236 -6.73 -24.33 0.07
N LYS A 237 -7.23 -23.24 0.64
CA LYS A 237 -6.37 -22.26 1.29
C LYS A 237 -6.16 -22.54 2.77
N LEU A 238 -6.73 -23.63 3.28
CA LEU A 238 -6.48 -24.04 4.66
C LEU A 238 -5.00 -24.41 4.83
N TYR A 239 -4.46 -24.06 6.00
CA TYR A 239 -3.06 -24.29 6.32
C TYR A 239 -2.68 -25.76 6.15
N LYS A 240 -1.38 -25.99 5.95
CA LYS A 240 -0.86 -27.36 5.94
C LYS A 240 -0.83 -27.95 7.34
N ASN A 241 -0.56 -27.13 8.37
CA ASN A 241 -0.59 -27.59 9.75
C ASN A 241 -1.97 -28.08 10.16
N CYS A 242 -3.02 -27.56 9.55
CA CYS A 242 -4.39 -27.83 9.97
C CYS A 242 -4.71 -29.31 9.90
N PRO A 243 -5.00 -29.97 11.03
CA PRO A 243 -5.34 -31.39 11.00
C PRO A 243 -6.54 -31.67 10.12
N LYS A 244 -6.56 -32.87 9.53
CA LYS A 244 -7.64 -33.22 8.63
C LYS A 244 -8.99 -33.17 9.34
N ALA A 245 -9.06 -33.63 10.58
CA ALA A 245 -10.31 -33.57 11.32
C ALA A 245 -10.78 -32.13 11.46
N MET A 246 -9.85 -31.20 11.60
CA MET A 246 -10.21 -29.79 11.63
C MET A 246 -10.66 -29.29 10.26
N LYS A 247 -10.00 -29.77 9.20
CA LYS A 247 -10.42 -29.41 7.85
C LYS A 247 -11.83 -29.90 7.57
N ARG A 248 -12.14 -31.15 7.96
CA ARG A 248 -13.49 -31.66 7.75
C ARG A 248 -14.51 -30.89 8.58
N LEU A 249 -14.11 -30.39 9.75
CA LEU A 249 -15.03 -29.63 10.58
C LEU A 249 -15.36 -28.29 9.93
N VAL A 250 -14.35 -27.61 9.40
CA VAL A 250 -14.58 -26.38 8.65
C VAL A 250 -15.55 -26.64 7.51
N ALA A 251 -15.35 -27.72 6.77
CA ALA A 251 -16.21 -28.02 5.64
C ALA A 251 -17.62 -28.40 6.07
N ASP A 252 -17.75 -29.08 7.21
CA ASP A 252 -19.08 -29.45 7.70
C ASP A 252 -19.89 -28.22 8.10
N CYS A 253 -19.25 -27.26 8.78
CA CYS A 253 -19.98 -26.10 9.29
C CYS A 253 -20.40 -25.16 8.18
N VAL A 254 -19.74 -25.24 7.02
CA VAL A 254 -19.98 -24.35 5.90
C VAL A 254 -20.84 -25.00 4.82
N LYS A 255 -21.31 -26.23 5.05
CA LYS A 255 -22.12 -26.91 4.04
C LYS A 255 -23.31 -26.06 3.64
N LYS A 256 -23.59 -26.01 2.33
CA LYS A 256 -24.66 -25.17 1.82
C LYS A 256 -26.01 -25.60 2.35
N VAL A 257 -26.20 -26.91 2.57
CA VAL A 257 -27.49 -27.42 3.02
C VAL A 257 -27.59 -27.24 4.53
N LYS A 258 -28.66 -26.56 4.96
CA LYS A 258 -28.87 -26.28 6.38
C LYS A 258 -28.74 -27.53 7.23
N GLU A 259 -29.54 -28.55 6.92
CA GLU A 259 -29.64 -29.74 7.76
C GLU A 259 -28.34 -30.56 7.80
N GLU A 260 -27.46 -30.41 6.81
CA GLU A 260 -26.22 -31.17 6.81
C GLU A 260 -25.21 -30.65 7.84
N ARG A 261 -25.38 -29.41 8.32
CA ARG A 261 -24.40 -28.83 9.23
C ARG A 261 -24.55 -29.41 10.63
N PRO A 262 -23.45 -29.72 11.31
CA PRO A 262 -23.53 -30.26 12.66
C PRO A 262 -23.87 -29.19 13.68
N LEU A 263 -24.37 -29.65 14.82
CA LEU A 263 -24.69 -28.77 15.93
C LEU A 263 -23.52 -28.70 16.90
N PHE A 264 -23.52 -27.65 17.73
CA PHE A 264 -22.35 -27.38 18.57
C PHE A 264 -22.00 -28.48 19.56
N PRO A 265 -22.93 -29.25 20.14
CA PRO A 265 -22.46 -30.41 20.92
C PRO A 265 -21.52 -31.31 20.13
N GLN A 266 -21.80 -31.54 18.84
CA GLN A 266 -20.89 -32.33 18.02
C GLN A 266 -19.62 -31.55 17.69
N ILE A 267 -19.74 -30.23 17.46
CA ILE A 267 -18.56 -29.40 17.20
C ILE A 267 -17.59 -29.50 18.37
N LEU A 268 -18.11 -29.38 19.59
CA LEU A 268 -17.25 -29.45 20.76
C LEU A 268 -16.60 -30.82 20.89
N SER A 269 -17.40 -31.88 20.79
CA SER A 269 -16.87 -33.23 20.87
C SER A 269 -15.70 -33.45 19.92
N SER A 270 -15.85 -33.00 18.66
CA SER A 270 -14.80 -33.22 17.67
C SER A 270 -13.53 -32.48 18.02
N ILE A 271 -13.64 -31.22 18.44
CA ILE A 271 -12.43 -30.44 18.73
C ILE A 271 -11.73 -30.96 19.97
N GLU A 272 -12.50 -31.38 20.98
CA GLU A 272 -11.90 -31.92 22.19
C GLU A 272 -11.11 -33.19 21.89
N LEU A 273 -11.71 -34.13 21.14
CA LEU A 273 -11.00 -35.34 20.76
C LEU A 273 -9.70 -35.02 20.05
N LEU A 274 -9.73 -34.08 19.10
CA LEU A 274 -8.52 -33.73 18.37
C LEU A 274 -7.48 -33.09 19.27
N GLN A 275 -7.92 -32.35 20.30
CA GLN A 275 -6.96 -31.68 21.18
C GLN A 275 -6.24 -32.68 22.08
N HIS A 276 -6.91 -33.77 22.46
CA HIS A 276 -6.32 -34.78 23.33
C HIS A 276 -5.11 -35.45 22.70
N SER A 277 -5.09 -35.56 21.37
CA SER A 277 -4.01 -36.26 20.67
C SER A 277 -3.09 -35.31 19.90
N LEU A 278 -3.16 -34.02 20.16
CA LEU A 278 -2.37 -33.09 19.37
C LEU A 278 -1.16 -32.58 20.16
N PRO A 279 -0.01 -32.36 19.52
CA PRO A 279 1.17 -31.80 20.18
C PRO A 279 1.24 -30.28 20.11
N LEU B 7 -14.46 22.02 -22.49
CA LEU B 7 -15.10 22.90 -21.52
C LEU B 7 -15.53 24.22 -22.15
N ASP B 8 -16.55 24.85 -21.58
CA ASP B 8 -16.96 26.19 -21.96
C ASP B 8 -16.33 27.23 -21.04
N GLU B 9 -16.57 28.50 -21.37
CA GLU B 9 -15.92 29.58 -20.62
C GLU B 9 -16.33 29.57 -19.16
N GLN B 10 -17.62 29.38 -18.89
CA GLN B 10 -18.11 29.37 -17.52
C GLN B 10 -17.51 28.19 -16.74
N GLN B 11 -17.41 27.03 -17.38
CA GLN B 11 -16.85 25.86 -16.72
C GLN B 11 -15.37 26.04 -16.43
N ARG B 12 -14.61 26.55 -17.41
CA ARG B 12 -13.19 26.75 -17.21
C ARG B 12 -12.93 27.78 -16.11
N LYS B 13 -13.75 28.83 -16.05
CA LYS B 13 -13.57 29.84 -15.00
C LYS B 13 -13.82 29.25 -13.62
N ARG B 14 -14.82 28.37 -13.49
CA ARG B 14 -15.13 27.80 -12.19
C ARG B 14 -14.08 26.77 -11.77
N LEU B 15 -13.55 26.01 -12.73
CA LEU B 15 -12.53 25.01 -12.39
C LEU B 15 -11.26 25.67 -11.88
N GLU B 16 -10.92 26.85 -12.41
CA GLU B 16 -9.76 27.58 -11.91
C GLU B 16 -10.03 28.19 -10.55
N ALA B 17 -11.27 28.64 -10.32
CA ALA B 17 -11.63 29.17 -9.00
C ALA B 17 -11.55 28.08 -7.94
N PHE B 18 -11.92 26.84 -8.30
CA PHE B 18 -11.78 25.73 -7.36
C PHE B 18 -10.32 25.47 -7.02
N LEU B 19 -9.49 25.26 -8.06
CA LEU B 19 -8.07 25.02 -7.84
C LEU B 19 -7.39 26.17 -7.12
N THR B 20 -7.83 27.41 -7.36
CA THR B 20 -7.28 28.57 -6.67
C THR B 20 -7.58 28.51 -5.18
N GLN B 21 -8.82 28.15 -4.81
CA GLN B 21 -9.14 27.97 -3.40
C GLN B 21 -8.42 26.75 -2.83
N LYS B 22 -8.28 25.68 -3.62
CA LYS B 22 -7.55 24.50 -3.17
C LYS B 22 -6.10 24.83 -2.85
N GLN B 23 -5.51 25.82 -3.53
CA GLN B 23 -4.16 26.25 -3.25
C GLN B 23 -4.00 26.78 -1.82
N LYS B 24 -5.09 27.20 -1.18
CA LYS B 24 -5.06 27.68 0.18
C LYS B 24 -5.23 26.58 1.22
N VAL B 25 -5.33 25.32 0.80
CA VAL B 25 -5.49 24.19 1.69
C VAL B 25 -4.20 23.37 1.69
N GLY B 26 -3.68 23.07 2.87
CA GLY B 26 -2.46 22.31 2.98
C GLY B 26 -2.65 20.98 3.68
N GLU B 27 -1.73 20.64 4.58
CA GLU B 27 -1.83 19.41 5.35
C GLU B 27 -3.13 19.39 6.12
N LEU B 28 -3.92 18.33 5.93
CA LEU B 28 -5.22 18.20 6.59
C LEU B 28 -5.06 17.50 7.93
N LYS B 29 -5.56 18.14 8.99
CA LYS B 29 -5.55 17.59 10.33
C LYS B 29 -6.94 17.64 10.92
N ASP B 30 -7.25 16.68 11.79
CA ASP B 30 -8.60 16.59 12.36
C ASP B 30 -8.92 17.80 13.24
N ASP B 31 -7.96 18.25 14.06
CA ASP B 31 -8.21 19.35 14.97
C ASP B 31 -8.44 20.69 14.27
N ASP B 32 -8.18 20.77 12.97
CA ASP B 32 -8.47 21.96 12.19
C ASP B 32 -9.87 21.98 11.61
N PHE B 33 -10.62 20.89 11.73
CA PHE B 33 -11.96 20.80 11.16
C PHE B 33 -13.02 21.09 12.22
N GLU B 34 -14.09 21.74 11.79
CA GLU B 34 -15.21 22.11 12.65
C GLU B 34 -16.49 21.61 12.01
N LYS B 35 -17.19 20.71 12.70
CA LYS B 35 -18.46 20.20 12.17
C LYS B 35 -19.50 21.31 12.08
N ILE B 36 -20.37 21.20 11.07
CA ILE B 36 -21.46 22.15 10.83
C ILE B 36 -22.80 21.46 10.80
N SER B 37 -22.90 20.34 10.07
CA SER B 37 -24.12 19.55 10.01
C SER B 37 -23.73 18.13 9.63
N GLU B 38 -24.74 17.26 9.55
CA GLU B 38 -24.56 15.91 9.04
C GLU B 38 -25.32 15.80 7.73
N LEU B 39 -24.57 15.68 6.62
CA LEU B 39 -25.19 15.60 5.31
C LEU B 39 -25.87 14.25 5.06
N GLY B 40 -25.34 13.18 5.63
CA GLY B 40 -25.91 11.86 5.42
C GLY B 40 -25.00 10.78 5.96
N ALA B 41 -25.49 9.55 5.87
CA ALA B 41 -24.74 8.39 6.36
C ALA B 41 -25.23 7.16 5.61
N GLY B 42 -24.32 6.49 4.90
CA GLY B 42 -24.69 5.31 4.14
C GLY B 42 -24.19 4.01 4.73
N ASN B 43 -23.94 3.02 3.86
CA ASN B 43 -23.46 1.72 4.33
C ASN B 43 -22.00 1.81 4.79
N GLY B 44 -21.12 2.32 3.93
CA GLY B 44 -19.71 2.33 4.26
C GLY B 44 -19.35 3.33 5.35
N GLY B 45 -19.92 4.52 5.29
CA GLY B 45 -19.54 5.59 6.20
C GLY B 45 -20.58 6.68 6.35
N VAL B 46 -20.10 7.88 6.71
CA VAL B 46 -20.97 8.99 7.08
C VAL B 46 -20.29 10.29 6.63
N VAL B 47 -21.10 11.25 6.18
CA VAL B 47 -20.60 12.48 5.60
C VAL B 47 -21.11 13.66 6.42
N PHE B 48 -20.19 14.57 6.76
CA PHE B 48 -20.52 15.79 7.47
C PHE B 48 -20.12 17.01 6.65
N LYS B 49 -20.84 18.10 6.86
CA LYS B 49 -20.43 19.41 6.36
C LYS B 49 -19.49 20.01 7.39
N VAL B 50 -18.25 20.29 6.97
CA VAL B 50 -17.22 20.77 7.88
C VAL B 50 -16.69 22.10 7.36
N SER B 51 -15.93 22.78 8.23
CA SER B 51 -15.27 24.03 7.88
C SER B 51 -13.80 23.90 8.24
N HIS B 52 -12.94 24.03 7.24
CA HIS B 52 -11.50 24.01 7.45
C HIS B 52 -11.09 25.37 7.97
N LYS B 53 -10.84 25.44 9.28
CA LYS B 53 -10.61 26.74 9.93
C LYS B 53 -9.39 27.50 9.40
N PRO B 54 -8.24 26.87 9.10
CA PRO B 54 -7.14 27.65 8.51
C PRO B 54 -7.50 28.31 7.19
N SER B 55 -8.10 27.55 6.27
CA SER B 55 -8.48 28.10 4.97
C SER B 55 -9.84 28.80 5.01
N GLY B 56 -10.64 28.55 6.04
CA GLY B 56 -11.96 29.15 6.10
C GLY B 56 -12.91 28.64 5.05
N LEU B 57 -12.68 27.43 4.54
CA LEU B 57 -13.47 26.85 3.46
C LEU B 57 -14.50 25.89 4.02
N VAL B 58 -15.53 25.64 3.20
CA VAL B 58 -16.60 24.71 3.55
C VAL B 58 -16.37 23.42 2.76
N MET B 59 -16.23 22.30 3.46
CA MET B 59 -15.94 21.02 2.84
C MET B 59 -16.98 19.99 3.28
N ALA B 60 -16.96 18.85 2.58
CA ALA B 60 -17.77 17.70 2.92
C ALA B 60 -16.81 16.57 3.30
N ARG B 61 -16.82 16.19 4.58
CA ARG B 61 -15.84 15.24 5.12
C ARG B 61 -16.50 13.87 5.27
N LYS B 62 -16.31 13.02 4.27
CA LYS B 62 -16.74 11.63 4.36
C LYS B 62 -15.80 10.87 5.27
N LEU B 63 -16.38 10.00 6.10
CA LEU B 63 -15.62 9.15 7.02
C LEU B 63 -15.99 7.71 6.73
N ILE B 64 -14.98 6.90 6.40
CA ILE B 64 -15.16 5.48 6.15
C ILE B 64 -14.47 4.71 7.26
N HIS B 65 -15.24 3.90 7.98
CA HIS B 65 -14.67 3.11 9.06
C HIS B 65 -14.13 1.82 8.48
N LEU B 66 -12.85 1.54 8.75
CA LEU B 66 -12.20 0.34 8.24
C LEU B 66 -11.24 -0.17 9.30
N GLU B 67 -11.28 -1.47 9.55
CA GLU B 67 -10.30 -2.14 10.39
C GLU B 67 -9.34 -2.86 9.46
N ILE B 68 -8.20 -2.22 9.16
CA ILE B 68 -7.23 -2.71 8.17
C ILE B 68 -5.82 -2.53 8.72
N LYS B 69 -4.86 -3.20 8.08
CA LYS B 69 -3.47 -3.01 8.46
C LYS B 69 -3.04 -1.58 8.19
N PRO B 70 -2.12 -1.04 9.00
CA PRO B 70 -1.61 0.31 8.72
C PRO B 70 -1.00 0.46 7.35
N ALA B 71 -0.45 -0.62 6.78
CA ALA B 71 0.11 -0.53 5.43
C ALA B 71 -1.01 -0.36 4.41
N ILE B 72 -2.12 -1.09 4.59
CA ILE B 72 -3.25 -0.99 3.67
C ILE B 72 -3.88 0.39 3.72
N ARG B 73 -3.93 1.01 4.90
CA ARG B 73 -4.57 2.33 4.96
C ARG B 73 -3.71 3.39 4.31
N ASN B 74 -2.38 3.25 4.37
CA ASN B 74 -1.50 4.20 3.68
C ASN B 74 -1.53 3.99 2.17
N GLN B 75 -1.70 2.75 1.72
CA GLN B 75 -1.86 2.50 0.29
C GLN B 75 -3.15 3.10 -0.23
N ILE B 76 -4.21 3.08 0.58
CA ILE B 76 -5.47 3.72 0.20
C ILE B 76 -5.29 5.23 0.09
N ILE B 77 -4.59 5.84 1.05
CA ILE B 77 -4.35 7.28 0.99
C ILE B 77 -3.53 7.64 -0.25
N ARG B 78 -2.52 6.83 -0.57
CA ARG B 78 -1.74 7.06 -1.78
C ARG B 78 -2.60 6.91 -3.03
N GLU B 79 -3.43 5.87 -3.08
CA GLU B 79 -4.27 5.64 -4.24
C GLU B 79 -5.36 6.69 -4.36
N LEU B 80 -5.73 7.35 -3.27
CA LEU B 80 -6.72 8.42 -3.36
C LEU B 80 -6.12 9.73 -3.85
N GLN B 81 -4.80 9.88 -3.82
CA GLN B 81 -4.16 11.10 -4.31
C GLN B 81 -4.37 11.30 -5.81
N VAL B 82 -4.67 10.23 -6.55
CA VAL B 82 -5.03 10.35 -7.96
C VAL B 82 -6.22 11.27 -8.16
N LEU B 83 -7.02 11.50 -7.10
CA LEU B 83 -8.14 12.42 -7.22
C LEU B 83 -7.69 13.86 -7.38
N HIS B 84 -6.46 14.19 -6.99
CA HIS B 84 -5.91 15.52 -7.28
C HIS B 84 -5.85 15.79 -8.78
N GLU B 85 -5.75 14.73 -9.59
CA GLU B 85 -5.70 14.83 -11.04
C GLU B 85 -7.07 14.66 -11.69
N CYS B 86 -8.10 14.28 -10.94
CA CYS B 86 -9.46 14.14 -11.47
C CYS B 86 -10.17 15.48 -11.29
N ASN B 87 -9.99 16.36 -12.25
CA ASN B 87 -10.61 17.68 -12.23
C ASN B 87 -11.50 17.80 -13.45
N SER B 88 -12.80 17.92 -13.23
CA SER B 88 -13.74 17.97 -14.34
C SER B 88 -15.03 18.59 -13.83
N PRO B 89 -15.78 19.29 -14.70
CA PRO B 89 -17.08 19.81 -14.27
C PRO B 89 -18.10 18.73 -13.93
N TYR B 90 -17.88 17.48 -14.36
CA TYR B 90 -18.78 16.39 -14.04
C TYR B 90 -18.19 15.46 -12.99
N ILE B 91 -17.20 15.92 -12.25
CA ILE B 91 -16.59 15.16 -11.17
C ILE B 91 -16.50 16.05 -9.94
N VAL B 92 -16.83 15.50 -8.77
CA VAL B 92 -16.71 16.24 -7.52
C VAL B 92 -15.25 16.47 -7.22
N GLY B 93 -14.93 17.67 -6.72
CA GLY B 93 -13.56 18.01 -6.43
C GLY B 93 -13.01 17.28 -5.22
N PHE B 94 -11.68 17.32 -5.09
CA PHE B 94 -10.97 16.61 -4.05
C PHE B 94 -10.05 17.57 -3.32
N TYR B 95 -10.02 17.46 -1.99
CA TYR B 95 -9.13 18.29 -1.18
C TYR B 95 -8.02 17.51 -0.51
N GLY B 96 -8.32 16.33 0.04
CA GLY B 96 -7.30 15.55 0.71
C GLY B 96 -7.91 14.38 1.45
N ALA B 97 -7.07 13.40 1.79
CA ALA B 97 -7.52 12.20 2.49
C ALA B 97 -6.50 11.85 3.55
N PHE B 98 -6.97 11.57 4.76
CA PHE B 98 -6.08 11.23 5.87
C PHE B 98 -6.77 10.22 6.77
N TYR B 99 -6.02 9.76 7.76
CA TYR B 99 -6.48 8.74 8.71
C TYR B 99 -6.52 9.34 10.10
N SER B 100 -7.52 8.93 10.89
CA SER B 100 -7.67 9.42 12.25
C SER B 100 -8.73 8.63 13.02
N ASP B 101 -8.37 8.17 14.22
CA ASP B 101 -9.32 7.51 15.13
C ASP B 101 -9.96 6.30 14.48
N GLY B 102 -9.19 5.57 13.68
CA GLY B 102 -9.71 4.40 13.02
C GLY B 102 -10.67 4.68 11.88
N GLU B 103 -10.63 5.89 11.31
CA GLU B 103 -11.53 6.28 10.24
C GLU B 103 -10.75 7.06 9.19
N ILE B 104 -10.90 6.67 7.94
CA ILE B 104 -10.29 7.42 6.83
C ILE B 104 -11.21 8.57 6.46
N SER B 105 -10.66 9.78 6.44
CA SER B 105 -11.44 10.99 6.18
C SER B 105 -11.14 11.47 4.76
N ILE B 106 -12.14 11.38 3.89
CA ILE B 106 -12.05 11.87 2.52
C ILE B 106 -12.73 13.23 2.48
N CYS B 107 -11.94 14.29 2.39
CA CYS B 107 -12.50 15.63 2.31
C CYS B 107 -12.66 16.03 0.86
N MET B 108 -13.84 16.51 0.51
CA MET B 108 -14.17 16.77 -0.87
C MET B 108 -14.99 18.05 -0.97
N GLU B 109 -15.38 18.38 -2.19
CA GLU B 109 -16.16 19.58 -2.49
C GLU B 109 -17.58 19.44 -1.96
N HIS B 110 -18.08 20.52 -1.35
CA HIS B 110 -19.44 20.54 -0.82
C HIS B 110 -20.42 20.94 -1.92
N MET B 111 -21.42 20.11 -2.15
CA MET B 111 -22.49 20.40 -3.11
C MET B 111 -23.75 20.70 -2.31
N ASP B 112 -24.10 21.99 -2.21
CA ASP B 112 -25.22 22.40 -1.37
C ASP B 112 -26.57 21.87 -1.85
N GLY B 113 -26.64 21.35 -3.08
CA GLY B 113 -27.86 20.70 -3.52
C GLY B 113 -28.02 19.27 -3.08
N GLY B 114 -26.97 18.67 -2.53
CA GLY B 114 -27.03 17.29 -2.09
C GLY B 114 -26.93 16.32 -3.26
N SER B 115 -27.39 15.10 -3.02
CA SER B 115 -27.45 14.07 -4.05
C SER B 115 -28.84 14.01 -4.64
N LEU B 116 -28.93 13.45 -5.85
CA LEU B 116 -30.21 13.31 -6.53
C LEU B 116 -31.15 12.36 -5.79
N ASP B 117 -30.61 11.55 -4.89
CA ASP B 117 -31.45 10.72 -4.03
C ASP B 117 -32.27 11.58 -3.07
N GLN B 118 -31.61 12.56 -2.43
CA GLN B 118 -32.32 13.48 -1.55
C GLN B 118 -33.26 14.39 -2.35
N VAL B 119 -32.82 14.82 -3.53
CA VAL B 119 -33.63 15.71 -4.35
C VAL B 119 -34.90 14.99 -4.82
N LEU B 120 -34.76 13.73 -5.24
CA LEU B 120 -35.93 12.97 -5.66
C LEU B 120 -36.92 12.80 -4.52
N LYS B 121 -36.42 12.64 -3.29
CA LYS B 121 -37.33 12.47 -2.16
C LYS B 121 -38.12 13.72 -1.88
N LYS B 122 -37.49 14.89 -2.05
CA LYS B 122 -38.22 16.15 -1.87
C LYS B 122 -39.13 16.46 -3.05
N ALA B 123 -38.68 16.14 -4.27
CA ALA B 123 -39.46 16.47 -5.47
C ALA B 123 -40.48 15.39 -5.82
N GLY B 124 -40.26 14.15 -5.44
CA GLY B 124 -41.15 13.07 -5.82
C GLY B 124 -40.84 12.46 -7.17
N ARG B 125 -40.78 13.30 -8.21
CA ARG B 125 -40.36 12.89 -9.53
C ARG B 125 -39.50 14.00 -10.13
N ILE B 126 -38.54 13.62 -10.96
CA ILE B 126 -37.64 14.56 -11.62
C ILE B 126 -38.03 14.65 -13.09
N PRO B 127 -38.40 15.84 -13.58
CA PRO B 127 -38.91 15.95 -14.96
C PRO B 127 -37.89 15.50 -16.00
N GLU B 128 -38.42 15.06 -17.14
CA GLU B 128 -37.58 14.51 -18.19
C GLU B 128 -36.52 15.51 -18.66
N GLN B 129 -36.87 16.79 -18.73
CA GLN B 129 -35.90 17.78 -19.21
C GLN B 129 -34.72 17.90 -18.27
N ILE B 130 -34.96 17.82 -16.96
CA ILE B 130 -33.86 17.79 -15.99
C ILE B 130 -33.02 16.53 -16.19
N LEU B 131 -33.69 15.39 -16.38
CA LEU B 131 -32.95 14.13 -16.53
C LEU B 131 -32.10 14.13 -17.80
N GLY B 132 -32.50 14.88 -18.82
CA GLY B 132 -31.63 15.06 -19.97
C GLY B 132 -30.31 15.71 -19.59
N LYS B 133 -30.36 16.72 -18.73
CA LYS B 133 -29.12 17.34 -18.26
C LYS B 133 -28.34 16.38 -17.36
N VAL B 134 -29.04 15.57 -16.58
CA VAL B 134 -28.36 14.60 -15.73
C VAL B 134 -27.67 13.54 -16.57
N SER B 135 -28.35 13.05 -17.61
CA SER B 135 -27.74 12.04 -18.47
C SER B 135 -26.46 12.57 -19.12
N ILE B 136 -26.52 13.79 -19.65
CA ILE B 136 -25.33 14.39 -20.26
C ILE B 136 -24.20 14.47 -19.25
N ALA B 137 -24.51 14.80 -17.99
CA ALA B 137 -23.47 14.92 -16.99
C ALA B 137 -22.84 13.57 -16.67
N VAL B 138 -23.67 12.51 -16.59
CA VAL B 138 -23.15 11.19 -16.24
C VAL B 138 -22.31 10.62 -17.37
N ILE B 139 -22.83 10.72 -18.61
CA ILE B 139 -22.10 10.18 -19.76
C ILE B 139 -20.77 10.88 -19.93
N LYS B 140 -20.75 12.20 -19.73
CA LYS B 140 -19.50 12.94 -19.87
C LYS B 140 -18.56 12.65 -18.71
N GLY B 141 -19.09 12.48 -17.50
CA GLY B 141 -18.24 12.08 -16.39
C GLY B 141 -17.66 10.70 -16.57
N LEU B 142 -18.47 9.76 -17.09
CA LEU B 142 -17.95 8.42 -17.35
C LEU B 142 -16.92 8.42 -18.47
N THR B 143 -17.07 9.33 -19.44
CA THR B 143 -16.09 9.43 -20.51
C THR B 143 -14.77 10.02 -20.02
N TYR B 144 -14.83 11.10 -19.24
CA TYR B 144 -13.61 11.69 -18.69
C TYR B 144 -12.83 10.67 -17.88
N LEU B 145 -13.51 9.92 -17.01
CA LEU B 145 -12.83 8.95 -16.17
C LEU B 145 -12.21 7.82 -16.99
N ARG B 146 -12.82 7.46 -18.11
CA ARG B 146 -12.27 6.36 -18.90
C ARG B 146 -11.13 6.82 -19.82
N GLU B 147 -11.23 8.05 -20.35
CA GLU B 147 -10.24 8.57 -21.28
C GLU B 147 -9.02 9.17 -20.59
N LYS B 148 -9.22 9.94 -19.52
CA LYS B 148 -8.08 10.58 -18.86
C LYS B 148 -7.50 9.75 -17.73
N HIS B 149 -8.22 8.73 -17.24
CA HIS B 149 -7.73 7.96 -16.10
C HIS B 149 -7.92 6.45 -16.22
N LYS B 150 -8.59 5.97 -17.26
CA LYS B 150 -8.87 4.55 -17.46
C LYS B 150 -9.52 3.94 -16.21
N ILE B 151 -10.61 4.57 -15.77
CA ILE B 151 -11.31 4.19 -14.55
C ILE B 151 -12.81 4.21 -14.82
N MET B 152 -13.49 3.10 -14.53
CA MET B 152 -14.95 3.08 -14.55
C MET B 152 -15.48 3.46 -13.17
N HIS B 153 -16.74 3.90 -13.12
CA HIS B 153 -17.28 4.43 -11.88
C HIS B 153 -17.52 3.33 -10.84
N ARG B 154 -18.21 2.26 -11.24
CA ARG B 154 -18.53 1.06 -10.47
C ARG B 154 -19.69 1.26 -9.48
N ASP B 155 -20.19 2.46 -9.27
CA ASP B 155 -21.26 2.66 -8.29
C ASP B 155 -22.13 3.86 -8.69
N VAL B 156 -22.73 3.78 -9.88
CA VAL B 156 -23.62 4.84 -10.36
C VAL B 156 -25.01 4.65 -9.76
N LYS B 157 -25.52 5.67 -9.10
CA LYS B 157 -26.85 5.66 -8.49
C LYS B 157 -27.19 7.08 -8.07
N PRO B 158 -28.47 7.39 -7.84
CA PRO B 158 -28.84 8.78 -7.53
C PRO B 158 -28.13 9.36 -6.32
N SER B 159 -27.76 8.54 -5.33
CA SER B 159 -27.04 9.07 -4.18
C SER B 159 -25.60 9.45 -4.49
N ASN B 160 -25.05 8.97 -5.62
CA ASN B 160 -23.69 9.28 -6.03
C ASN B 160 -23.65 10.24 -7.21
N ILE B 161 -24.75 10.97 -7.43
CA ILE B 161 -24.81 12.04 -8.42
C ILE B 161 -25.16 13.31 -7.65
N LEU B 162 -24.20 14.21 -7.55
CA LEU B 162 -24.33 15.40 -6.71
C LEU B 162 -24.59 16.63 -7.55
N VAL B 163 -25.41 17.54 -7.01
CA VAL B 163 -25.81 18.78 -7.67
C VAL B 163 -25.66 19.93 -6.68
N ASN B 164 -25.53 21.14 -7.23
CA ASN B 164 -25.36 22.33 -6.40
C ASN B 164 -26.25 23.46 -6.91
N SER B 165 -26.25 24.56 -6.15
CA SER B 165 -27.09 25.70 -6.45
C SER B 165 -26.65 26.44 -7.71
N ARG B 166 -25.40 26.26 -8.13
CA ARG B 166 -24.91 26.83 -9.38
C ARG B 166 -25.37 26.06 -10.61
N GLY B 167 -26.17 25.01 -10.42
CA GLY B 167 -26.63 24.21 -11.53
C GLY B 167 -25.69 23.14 -12.00
N GLU B 168 -24.60 22.88 -11.28
CA GLU B 168 -23.64 21.87 -11.69
C GLU B 168 -24.10 20.48 -11.26
N ILE B 169 -23.78 19.49 -12.09
CA ILE B 169 -24.08 18.10 -11.81
C ILE B 169 -22.78 17.30 -11.96
N LYS B 170 -22.41 16.56 -10.91
CA LYS B 170 -21.13 15.88 -10.88
C LYS B 170 -21.27 14.47 -10.30
N LEU B 171 -20.37 13.59 -10.71
CA LEU B 171 -20.28 12.24 -10.17
C LEU B 171 -19.37 12.22 -8.94
N CYS B 172 -19.56 11.20 -8.11
N CYS B 172 -19.55 11.19 -8.13
CA CYS B 172 -18.71 11.03 -6.94
CA CYS B 172 -18.74 11.03 -6.92
C CYS B 172 -18.70 9.57 -6.52
C CYS B 172 -18.72 9.57 -6.52
N ASP B 173 -17.84 9.24 -5.57
CA ASP B 173 -17.73 7.90 -4.98
C ASP B 173 -17.46 6.82 -6.03
N PHE B 174 -16.50 7.07 -6.90
CA PHE B 174 -16.15 6.08 -7.91
C PHE B 174 -14.88 5.33 -7.51
N GLY B 175 -14.71 4.16 -8.11
CA GLY B 175 -13.61 3.28 -7.73
C GLY B 175 -12.26 3.75 -8.19
N VAL B 176 -11.65 4.69 -7.45
CA VAL B 176 -10.34 5.18 -7.81
C VAL B 176 -9.23 4.45 -7.05
N SER B 177 -9.54 3.81 -5.93
CA SER B 177 -8.56 3.13 -5.10
C SER B 177 -8.89 1.64 -5.06
N GLY B 178 -8.01 0.82 -5.64
CA GLY B 178 -8.25 -0.61 -5.66
C GLY B 178 -8.25 -1.23 -4.28
N GLN B 179 -7.45 -0.69 -3.36
CA GLN B 179 -7.44 -1.22 -2.00
C GLN B 179 -8.67 -0.78 -1.22
N LEU B 180 -9.23 0.39 -1.54
CA LEU B 180 -10.47 0.80 -0.90
C LEU B 180 -11.65 -0.02 -1.41
N ILE B 181 -11.63 -0.41 -2.69
CA ILE B 181 -12.68 -1.27 -3.23
C ILE B 181 -12.68 -2.62 -2.54
N ASP B 182 -11.50 -3.24 -2.42
CA ASP B 182 -11.41 -4.54 -1.74
C ASP B 182 -11.77 -4.44 -0.27
N ALA B 183 -11.44 -3.32 0.37
CA ALA B 183 -11.73 -3.19 1.79
C ALA B 183 -13.21 -3.03 2.06
N MET B 184 -13.91 -2.31 1.19
CA MET B 184 -15.35 -2.07 1.38
C MET B 184 -16.20 -3.23 0.86
N ALA B 185 -15.58 -4.29 0.33
CA ALA B 185 -16.34 -5.49 -0.01
C ALA B 185 -16.75 -6.28 1.21
N ASN B 186 -16.12 -6.04 2.36
CA ASN B 186 -16.57 -6.61 3.63
C ASN B 186 -17.52 -5.61 4.27
N ALA B 187 -18.77 -5.68 3.84
CA ALA B 187 -19.80 -4.74 4.26
C ALA B 187 -21.01 -5.51 4.76
N PHE B 188 -22.02 -4.76 5.20
CA PHE B 188 -23.27 -5.37 5.62
C PHE B 188 -24.22 -5.48 4.43
N VAL B 189 -25.24 -6.32 4.60
CA VAL B 189 -26.24 -6.50 3.56
C VAL B 189 -27.03 -5.22 3.36
N GLY B 190 -27.21 -4.81 2.11
CA GLY B 190 -27.92 -3.60 1.78
C GLY B 190 -29.39 -3.85 1.49
N THR B 191 -30.04 -2.80 0.97
CA THR B 191 -31.45 -2.86 0.62
C THR B 191 -31.68 -2.82 -0.88
N ARG B 192 -31.18 -1.78 -1.57
CA ARG B 192 -31.35 -1.67 -3.01
C ARG B 192 -30.09 -2.15 -3.72
N SER B 193 -30.15 -2.17 -5.06
CA SER B 193 -28.98 -2.55 -5.84
C SER B 193 -29.07 -1.94 -7.24
N TYR B 194 -27.95 -1.46 -7.75
CA TYR B 194 -27.85 -0.96 -9.12
C TYR B 194 -26.78 -1.70 -9.92
N MET B 195 -26.37 -2.88 -9.45
CA MET B 195 -25.40 -3.70 -10.17
C MET B 195 -25.95 -4.21 -11.50
N SER B 196 -25.11 -4.13 -12.52
CA SER B 196 -25.40 -4.75 -13.80
C SER B 196 -25.51 -6.27 -13.67
N PRO B 197 -26.27 -6.91 -14.56
CA PRO B 197 -26.37 -8.38 -14.50
C PRO B 197 -25.03 -9.08 -14.67
N GLU B 198 -24.15 -8.55 -15.53
CA GLU B 198 -22.89 -9.23 -15.77
C GLU B 198 -21.96 -9.14 -14.57
N ARG B 199 -21.96 -8.01 -13.85
CA ARG B 199 -21.16 -7.92 -12.63
C ARG B 199 -21.71 -8.82 -11.53
N LEU B 200 -23.04 -8.99 -11.47
CA LEU B 200 -23.60 -9.89 -10.47
C LEU B 200 -23.18 -11.33 -10.73
N GLN B 201 -23.22 -11.76 -11.99
CA GLN B 201 -22.89 -13.13 -12.34
C GLN B 201 -21.39 -13.41 -12.34
N GLY B 202 -20.56 -12.37 -12.29
CA GLY B 202 -19.13 -12.55 -12.22
C GLY B 202 -18.40 -12.59 -13.54
N THR B 203 -19.09 -12.34 -14.65
CA THR B 203 -18.44 -12.30 -15.95
C THR B 203 -17.69 -10.98 -16.13
N HIS B 204 -17.06 -10.82 -17.30
CA HIS B 204 -16.27 -9.63 -17.56
C HIS B 204 -17.18 -8.39 -17.63
N TYR B 205 -16.62 -7.26 -17.21
CA TYR B 205 -17.38 -6.02 -17.14
C TYR B 205 -16.51 -4.84 -17.51
N SER B 206 -17.15 -3.77 -17.95
CA SER B 206 -16.47 -2.54 -18.33
C SER B 206 -17.36 -1.38 -17.91
N VAL B 207 -17.16 -0.22 -18.56
CA VAL B 207 -18.04 0.92 -18.33
C VAL B 207 -19.47 0.61 -18.74
N GLN B 208 -19.70 -0.48 -19.48
CA GLN B 208 -21.07 -0.89 -19.81
C GLN B 208 -21.89 -1.13 -18.55
N SER B 209 -21.25 -1.55 -17.46
CA SER B 209 -21.96 -1.73 -16.19
C SER B 209 -22.40 -0.38 -15.63
N ASP B 210 -21.56 0.64 -15.75
CA ASP B 210 -21.96 1.98 -15.31
C ASP B 210 -23.10 2.53 -16.15
N ILE B 211 -23.20 2.11 -17.41
CA ILE B 211 -24.31 2.56 -18.25
C ILE B 211 -25.61 1.89 -17.81
N TRP B 212 -25.55 0.61 -17.48
CA TRP B 212 -26.73 -0.08 -16.97
C TRP B 212 -27.23 0.57 -15.68
N SER B 213 -26.29 0.90 -14.78
CA SER B 213 -26.67 1.57 -13.54
C SER B 213 -27.30 2.93 -13.79
N MET B 214 -26.76 3.67 -14.76
CA MET B 214 -27.32 4.98 -15.09
C MET B 214 -28.77 4.85 -15.56
N GLY B 215 -29.03 3.93 -16.49
CA GLY B 215 -30.38 3.75 -16.98
C GLY B 215 -31.36 3.41 -15.88
N LEU B 216 -30.97 2.48 -15.00
CA LEU B 216 -31.81 2.14 -13.86
C LEU B 216 -32.06 3.37 -12.98
N SER B 217 -31.02 4.17 -12.75
CA SER B 217 -31.18 5.38 -11.95
C SER B 217 -32.10 6.38 -12.64
N LEU B 218 -32.02 6.46 -13.96
CA LEU B 218 -32.93 7.33 -14.69
C LEU B 218 -34.38 6.92 -14.45
N VAL B 219 -34.66 5.62 -14.53
CA VAL B 219 -36.03 5.15 -14.31
C VAL B 219 -36.49 5.50 -12.89
N GLU B 220 -35.61 5.34 -11.90
CA GLU B 220 -36.00 5.61 -10.52
C GLU B 220 -36.36 7.08 -10.32
N MET B 221 -35.58 7.99 -10.92
CA MET B 221 -35.86 9.41 -10.78
C MET B 221 -37.02 9.86 -11.64
N ALA B 222 -37.24 9.23 -12.79
CA ALA B 222 -38.34 9.64 -13.66
C ALA B 222 -39.70 9.25 -13.05
N VAL B 223 -39.87 7.97 -12.74
CA VAL B 223 -41.17 7.51 -12.22
C VAL B 223 -41.30 7.78 -10.73
N GLY B 224 -40.19 7.98 -10.02
CA GLY B 224 -40.24 8.27 -8.60
C GLY B 224 -40.22 7.07 -7.69
N ARG B 225 -39.84 5.90 -8.21
CA ARG B 225 -39.80 4.67 -7.41
C ARG B 225 -38.72 3.74 -7.95
N TYR B 226 -37.99 3.11 -7.05
CA TYR B 226 -36.99 2.11 -7.41
C TYR B 226 -37.62 1.00 -8.24
N PRO B 227 -37.16 0.76 -9.46
CA PRO B 227 -37.93 -0.03 -10.44
C PRO B 227 -37.73 -1.53 -10.43
N ILE B 228 -36.89 -2.07 -9.56
CA ILE B 228 -36.65 -3.51 -9.50
C ILE B 228 -37.62 -4.13 -8.52
N GLY B 229 -38.42 -5.08 -8.99
CA GLY B 229 -39.40 -5.76 -8.14
C GLY B 229 -40.83 -5.33 -8.38
N SER B 234 -42.54 -6.31 -0.11
CA SER B 234 -41.23 -5.73 -0.30
C SER B 234 -40.18 -6.82 -0.43
N MET B 235 -39.50 -6.84 -1.58
CA MET B 235 -38.52 -7.88 -1.86
C MET B 235 -37.23 -7.64 -1.09
N ALA B 236 -36.54 -8.74 -0.76
CA ALA B 236 -35.27 -8.70 -0.08
C ALA B 236 -34.15 -8.44 -1.09
N ILE B 237 -32.95 -8.16 -0.56
CA ILE B 237 -31.82 -7.77 -1.41
C ILE B 237 -31.48 -8.90 -2.38
N PHE B 238 -31.60 -10.16 -1.94
CA PHE B 238 -31.27 -11.27 -2.83
C PHE B 238 -32.29 -11.39 -3.95
N GLU B 239 -33.58 -11.26 -3.64
CA GLU B 239 -34.60 -11.37 -4.68
C GLU B 239 -34.43 -10.27 -5.72
N LEU B 240 -34.00 -9.08 -5.30
CA LEU B 240 -33.74 -8.02 -6.27
C LEU B 240 -32.60 -8.38 -7.20
N LEU B 241 -31.60 -9.10 -6.70
CA LEU B 241 -30.48 -9.49 -7.56
C LEU B 241 -30.90 -10.55 -8.57
N ASP B 242 -31.72 -11.51 -8.13
CA ASP B 242 -32.25 -12.51 -9.06
C ASP B 242 -33.11 -11.88 -10.15
N TYR B 243 -33.92 -10.87 -9.78
CA TYR B 243 -34.71 -10.15 -10.78
C TYR B 243 -33.81 -9.47 -11.80
N ILE B 244 -32.72 -8.86 -11.34
CA ILE B 244 -31.79 -8.21 -12.26
C ILE B 244 -31.16 -9.21 -13.20
N VAL B 245 -30.87 -10.42 -12.71
CA VAL B 245 -30.12 -11.38 -13.51
C VAL B 245 -31.03 -12.19 -14.41
N ASN B 246 -32.20 -12.58 -13.90
CA ASN B 246 -33.06 -13.54 -14.58
C ASN B 246 -34.33 -12.94 -15.15
N GLU B 247 -34.68 -11.72 -14.79
CA GLU B 247 -35.90 -11.14 -15.33
C GLU B 247 -35.57 -9.99 -16.29
N PRO B 248 -36.45 -9.65 -17.21
CA PRO B 248 -36.16 -8.56 -18.16
C PRO B 248 -36.02 -7.23 -17.44
N PRO B 249 -35.35 -6.25 -18.05
CA PRO B 249 -35.09 -4.98 -17.36
C PRO B 249 -36.34 -4.13 -17.28
N PRO B 250 -36.37 -3.15 -16.38
CA PRO B 250 -37.54 -2.25 -16.31
C PRO B 250 -37.52 -1.20 -17.41
N LYS B 251 -38.70 -0.66 -17.67
CA LYS B 251 -38.91 0.32 -18.73
C LYS B 251 -39.80 1.43 -18.21
N LEU B 252 -39.65 2.61 -18.82
CA LEU B 252 -40.50 3.74 -18.49
C LEU B 252 -41.96 3.44 -18.83
N PRO B 253 -42.91 4.09 -18.17
CA PRO B 253 -44.33 3.86 -18.46
C PRO B 253 -44.68 4.21 -19.91
N SER B 254 -45.88 3.80 -20.29
CA SER B 254 -46.33 3.84 -21.69
C SER B 254 -46.23 5.21 -22.33
N GLY B 255 -47.12 6.13 -21.96
CA GLY B 255 -47.14 7.42 -22.62
C GLY B 255 -46.99 8.59 -21.68
N VAL B 256 -45.99 8.55 -20.82
CA VAL B 256 -45.76 9.64 -19.87
C VAL B 256 -44.57 10.47 -20.32
N PHE B 257 -43.64 9.83 -21.04
CA PHE B 257 -42.41 10.47 -21.48
C PHE B 257 -42.33 10.45 -23.00
N SER B 258 -41.33 11.15 -23.51
CA SER B 258 -41.06 11.13 -24.94
C SER B 258 -40.54 9.77 -25.37
N LEU B 259 -40.67 9.47 -26.66
CA LEU B 259 -40.15 8.22 -27.19
C LEU B 259 -38.62 8.21 -27.22
N GLU B 260 -37.99 9.39 -27.17
CA GLU B 260 -36.53 9.46 -27.17
C GLU B 260 -35.97 9.03 -25.81
N PHE B 261 -36.56 9.54 -24.72
CA PHE B 261 -36.14 9.12 -23.39
C PHE B 261 -36.33 7.62 -23.21
N GLN B 262 -37.41 7.07 -23.76
CA GLN B 262 -37.67 5.63 -23.61
C GLN B 262 -36.66 4.81 -24.40
N ASP B 263 -36.33 5.23 -25.62
CA ASP B 263 -35.31 4.51 -26.37
C ASP B 263 -33.92 4.68 -25.75
N PHE B 264 -33.66 5.85 -25.16
CA PHE B 264 -32.38 6.08 -24.50
C PHE B 264 -32.25 5.19 -23.26
N VAL B 265 -33.31 5.13 -22.45
CA VAL B 265 -33.30 4.28 -21.26
C VAL B 265 -33.22 2.81 -21.67
N ASN B 266 -34.07 2.39 -22.61
CA ASN B 266 -34.09 0.98 -22.98
C ASN B 266 -32.77 0.54 -23.59
N LYS B 267 -32.04 1.46 -24.23
CA LYS B 267 -30.75 1.10 -24.79
C LYS B 267 -29.66 1.04 -23.73
N CYS B 268 -29.87 1.73 -22.59
CA CYS B 268 -28.95 1.65 -21.46
C CYS B 268 -29.16 0.40 -20.62
N LEU B 269 -30.35 -0.19 -20.66
CA LEU B 269 -30.72 -1.28 -19.78
C LEU B 269 -30.79 -2.63 -20.49
N ILE B 270 -30.12 -2.75 -21.63
CA ILE B 270 -30.05 -4.04 -22.30
C ILE B 270 -29.16 -4.97 -21.47
N LYS B 271 -29.67 -6.16 -21.17
CA LYS B 271 -28.95 -7.05 -20.26
C LYS B 271 -27.63 -7.53 -20.85
N ASN B 272 -27.57 -7.73 -22.17
CA ASN B 272 -26.31 -8.15 -22.78
C ASN B 272 -25.40 -6.94 -22.95
N PRO B 273 -24.24 -6.90 -22.29
CA PRO B 273 -23.40 -5.69 -22.36
C PRO B 273 -22.84 -5.42 -23.74
N ALA B 274 -22.65 -6.45 -24.57
CA ALA B 274 -22.15 -6.22 -25.92
C ALA B 274 -23.22 -5.59 -26.79
N GLU B 275 -24.46 -6.08 -26.69
CA GLU B 275 -25.59 -5.48 -27.38
C GLU B 275 -25.99 -4.15 -26.76
N ARG B 276 -25.55 -3.87 -25.54
CA ARG B 276 -25.89 -2.63 -24.85
C ARG B 276 -25.13 -1.46 -25.47
N ALA B 277 -25.76 -0.29 -25.42
CA ALA B 277 -25.17 0.92 -25.97
C ALA B 277 -23.94 1.34 -25.18
N ASP B 278 -22.98 1.97 -25.87
CA ASP B 278 -21.77 2.45 -25.22
C ASP B 278 -21.77 3.98 -25.15
N LEU B 279 -20.71 4.53 -24.56
CA LEU B 279 -20.65 5.98 -24.35
C LEU B 279 -20.64 6.74 -25.66
N LYS B 280 -20.02 6.20 -26.70
CA LYS B 280 -20.03 6.86 -27.99
C LYS B 280 -21.44 6.91 -28.57
N GLN B 281 -22.11 5.76 -28.60
CA GLN B 281 -23.47 5.72 -29.15
C GLN B 281 -24.41 6.60 -28.36
N LEU B 282 -24.31 6.57 -27.03
CA LEU B 282 -25.22 7.34 -26.19
C LEU B 282 -25.03 8.84 -26.39
N MET B 283 -23.78 9.27 -26.56
CA MET B 283 -23.51 10.69 -26.73
C MET B 283 -24.12 11.23 -28.02
N VAL B 284 -24.25 10.39 -29.04
CA VAL B 284 -24.86 10.81 -30.30
C VAL B 284 -26.31 10.33 -30.41
N HIS B 285 -26.92 9.95 -29.30
CA HIS B 285 -28.29 9.48 -29.29
C HIS B 285 -29.26 10.66 -29.38
N ALA B 286 -30.44 10.40 -29.94
CA ALA B 286 -31.40 11.47 -30.19
C ALA B 286 -31.80 12.17 -28.89
N PHE B 287 -31.89 11.43 -27.79
CA PHE B 287 -32.27 12.03 -26.52
C PHE B 287 -31.21 13.02 -26.03
N ILE B 288 -29.94 12.69 -26.25
CA ILE B 288 -28.85 13.56 -25.78
C ILE B 288 -28.74 14.80 -26.66
N LYS B 289 -28.91 14.63 -27.98
CA LYS B 289 -28.81 15.79 -28.87
C LYS B 289 -29.92 16.79 -28.57
N ARG B 290 -31.14 16.31 -28.33
CA ARG B 290 -32.25 17.20 -28.00
C ARG B 290 -32.05 17.86 -26.65
N SER B 291 -31.53 17.10 -25.66
CA SER B 291 -31.35 17.66 -24.32
C SER B 291 -30.25 18.70 -24.29
N ASP B 292 -29.16 18.46 -25.02
CA ASP B 292 -28.05 19.41 -25.06
C ASP B 292 -28.47 20.72 -25.74
N ALA B 293 -29.50 20.69 -26.58
CA ALA B 293 -29.97 21.90 -27.24
C ALA B 293 -30.91 22.72 -26.37
N GLU B 294 -31.64 22.07 -25.46
CA GLU B 294 -32.56 22.79 -24.60
C GLU B 294 -31.80 23.69 -23.63
N GLU B 295 -32.37 24.86 -23.36
CA GLU B 295 -31.80 25.80 -22.38
C GLU B 295 -32.64 25.69 -21.11
N VAL B 296 -32.38 24.63 -20.36
CA VAL B 296 -33.07 24.37 -19.11
C VAL B 296 -32.37 25.11 -17.99
N ASP B 297 -33.17 25.67 -17.08
CA ASP B 297 -32.62 26.36 -15.92
C ASP B 297 -32.62 25.38 -14.75
N PHE B 298 -31.58 24.55 -14.72
CA PHE B 298 -31.51 23.49 -13.71
C PHE B 298 -31.41 24.07 -12.31
N ALA B 299 -30.69 25.19 -12.16
CA ALA B 299 -30.48 25.77 -10.84
C ALA B 299 -31.79 26.21 -10.21
N GLY B 300 -32.67 26.84 -11.00
CA GLY B 300 -33.96 27.25 -10.46
C GLY B 300 -34.81 26.07 -10.02
N TRP B 301 -34.84 25.01 -10.82
CA TRP B 301 -35.59 23.81 -10.46
C TRP B 301 -35.10 23.21 -9.16
N LEU B 302 -33.77 23.09 -9.01
CA LEU B 302 -33.21 22.52 -7.80
C LEU B 302 -33.52 23.40 -6.60
N CYS B 303 -33.26 24.71 -6.71
CA CYS B 303 -33.42 25.60 -5.57
C CYS B 303 -34.88 25.70 -5.13
N SER B 304 -35.82 25.77 -6.07
CA SER B 304 -37.23 25.83 -5.71
C SER B 304 -37.75 24.50 -5.20
N THR B 305 -37.11 23.38 -5.57
CA THR B 305 -37.54 22.06 -5.09
C THR B 305 -36.97 21.76 -3.71
N ILE B 306 -35.70 22.09 -3.49
CA ILE B 306 -35.04 21.81 -2.21
C ILE B 306 -35.37 22.86 -1.16
N GLY B 307 -35.36 24.14 -1.52
CA GLY B 307 -35.54 25.20 -0.53
C GLY B 307 -34.34 26.13 -0.44
N LEU B 308 -33.47 26.06 -1.43
CA LEU B 308 -32.32 26.96 -1.49
C LEU B 308 -32.73 28.29 -2.10
N ASN B 309 -32.16 29.37 -1.58
CA ASN B 309 -32.47 30.72 -2.05
C ASN B 309 -31.37 31.70 -1.68
N ASP C 6 -3.81 7.77 -32.79
CA ASP C 6 -3.23 9.09 -32.58
C ASP C 6 -1.71 9.03 -32.66
N TRP C 7 -1.08 8.69 -31.54
CA TRP C 7 0.34 8.32 -31.51
C TRP C 7 0.53 6.87 -31.11
N GLU C 8 -0.54 6.07 -31.16
CA GLU C 8 -0.48 4.68 -30.77
C GLU C 8 0.15 3.84 -31.88
N ILE C 9 0.92 2.84 -31.45
CA ILE C 9 1.61 1.93 -32.36
C ILE C 9 1.03 0.53 -32.16
N GLU C 10 0.72 -0.13 -33.28
CA GLU C 10 0.25 -1.51 -33.22
C GLU C 10 1.39 -2.42 -32.76
N ALA C 11 1.10 -3.25 -31.75
CA ALA C 11 2.14 -4.06 -31.13
C ALA C 11 2.78 -5.02 -32.13
N SER C 12 2.04 -5.45 -33.14
CA SER C 12 2.59 -6.37 -34.13
C SER C 12 3.71 -5.76 -34.95
N GLU C 13 3.81 -4.43 -35.00
CA GLU C 13 4.83 -3.79 -35.81
C GLU C 13 6.17 -3.71 -35.09
N VAL C 14 6.14 -3.37 -33.79
CA VAL C 14 7.36 -3.17 -33.03
C VAL C 14 8.06 -4.51 -32.83
N MET C 15 9.35 -4.54 -33.15
CA MET C 15 10.19 -5.71 -32.89
C MET C 15 11.17 -5.37 -31.78
N LEU C 16 11.36 -6.32 -30.86
CA LEU C 16 12.35 -6.21 -29.80
C LEU C 16 13.62 -6.95 -30.19
N SER C 17 14.74 -6.51 -29.64
CA SER C 17 16.03 -7.03 -30.09
C SER C 17 16.96 -7.35 -28.92
N THR C 18 17.20 -6.37 -28.06
CA THR C 18 18.19 -6.50 -26.99
C THR C 18 17.59 -6.08 -25.66
N ARG C 19 18.32 -6.35 -24.60
CA ARG C 19 17.89 -6.00 -23.25
C ARG C 19 19.08 -5.60 -22.39
N PHE C 25 12.88 1.80 -16.92
CA PHE C 25 12.38 1.07 -15.75
C PHE C 25 12.87 -0.36 -15.75
N GLY C 26 14.20 -0.53 -15.82
CA GLY C 26 14.81 -1.83 -15.83
C GLY C 26 16.22 -1.82 -16.38
N THR C 27 16.38 -2.20 -17.65
CA THR C 27 17.69 -2.19 -18.30
C THR C 27 17.60 -1.54 -19.67
N VAL C 28 18.07 -2.23 -20.70
CA VAL C 28 17.95 -1.74 -22.06
C VAL C 28 16.82 -2.49 -22.75
N TYR C 29 16.30 -1.88 -23.82
CA TYR C 29 15.34 -2.56 -24.69
C TYR C 29 15.39 -2.02 -26.11
N LYS C 30 16.48 -2.29 -26.83
CA LYS C 30 16.57 -1.82 -28.21
C LYS C 30 15.62 -2.59 -29.12
N GLY C 31 15.12 -1.90 -30.13
CA GLY C 31 14.15 -2.53 -31.00
C GLY C 31 14.22 -2.06 -32.44
N LYS C 32 13.11 -2.17 -33.15
CA LYS C 32 13.08 -1.76 -34.55
C LYS C 32 11.65 -1.47 -34.94
N TRP C 33 11.33 -0.18 -35.12
CA TRP C 33 10.04 0.26 -35.62
C TRP C 33 10.29 1.45 -36.53
N HIS C 34 10.26 1.22 -37.85
CA HIS C 34 10.71 2.21 -38.84
C HIS C 34 12.12 2.67 -38.52
N GLY C 35 13.00 1.70 -38.31
CA GLY C 35 14.38 1.96 -37.96
C GLY C 35 14.64 1.67 -36.49
N ASP C 36 15.90 1.86 -36.10
CA ASP C 36 16.29 1.63 -34.72
C ASP C 36 15.47 2.49 -33.79
N VAL C 37 14.93 1.87 -32.74
CA VAL C 37 14.13 2.57 -31.74
C VAL C 37 14.47 2.02 -30.37
N ALA C 38 13.98 2.71 -29.34
CA ALA C 38 14.10 2.27 -27.97
C ALA C 38 12.70 2.15 -27.38
N VAL C 39 12.40 1.00 -26.78
CA VAL C 39 11.09 0.73 -26.19
C VAL C 39 11.27 0.53 -24.69
N LYS C 40 10.19 0.73 -23.94
CA LYS C 40 10.20 0.52 -22.50
C LYS C 40 9.34 -0.69 -22.15
N ILE C 41 9.74 -1.40 -21.09
CA ILE C 41 9.09 -2.66 -20.65
C ILE C 41 7.57 -2.65 -20.77
N PRO C 47 0.20 -2.05 -11.80
CA PRO C 47 -0.66 -1.90 -12.99
C PRO C 47 -1.89 -1.08 -12.64
N THR C 48 -1.83 -0.40 -11.49
CA THR C 48 -2.97 0.30 -10.93
C THR C 48 -3.27 1.58 -11.72
N PRO C 49 -4.42 2.26 -11.44
CA PRO C 49 -4.64 3.60 -12.03
C PRO C 49 -3.53 4.59 -11.73
N GLU C 50 -2.67 4.26 -10.76
CA GLU C 50 -1.48 5.08 -10.51
C GLU C 50 -0.46 4.92 -11.64
N GLN C 51 -0.25 3.69 -12.11
CA GLN C 51 0.71 3.45 -13.18
C GLN C 51 0.21 3.93 -14.53
N PHE C 52 -1.10 3.95 -14.75
CA PHE C 52 -1.64 4.61 -15.93
C PHE C 52 -1.38 6.10 -15.88
N GLN C 53 -1.53 6.71 -14.69
CA GLN C 53 -1.11 8.10 -14.50
C GLN C 53 0.38 8.25 -14.76
N ALA C 54 1.16 7.22 -14.43
CA ALA C 54 2.59 7.25 -14.73
C ALA C 54 2.83 7.23 -16.22
N PHE C 55 2.10 6.37 -16.95
CA PHE C 55 2.20 6.37 -18.41
C PHE C 55 1.69 7.67 -19.00
N ARG C 56 0.54 8.16 -18.49
CA ARG C 56 -0.04 9.37 -19.05
C ARG C 56 0.87 10.58 -18.83
N ASN C 57 1.41 10.72 -17.63
CA ASN C 57 2.27 11.87 -17.34
C ASN C 57 3.54 11.84 -18.20
N GLU C 58 4.14 10.66 -18.38
CA GLU C 58 5.33 10.61 -19.22
C GLU C 58 4.96 10.84 -20.68
N VAL C 59 3.89 10.19 -21.15
CA VAL C 59 3.45 10.39 -22.52
C VAL C 59 3.00 11.83 -22.74
N ALA C 60 2.30 12.42 -21.77
CA ALA C 60 1.86 13.80 -21.95
C ALA C 60 3.03 14.76 -21.98
N VAL C 61 4.03 14.53 -21.14
CA VAL C 61 5.24 15.36 -21.19
C VAL C 61 5.95 15.16 -22.52
N LEU C 62 6.22 13.90 -22.87
CA LEU C 62 6.88 13.60 -24.13
C LEU C 62 6.15 14.21 -25.32
N ARG C 63 4.82 14.08 -25.36
CA ARG C 63 4.05 14.64 -26.48
C ARG C 63 4.22 16.15 -26.59
N LYS C 64 4.61 16.82 -25.52
CA LYS C 64 4.81 18.27 -25.55
C LYS C 64 6.19 18.67 -26.03
N THR C 65 7.10 17.72 -26.22
CA THR C 65 8.48 18.03 -26.59
C THR C 65 8.71 17.80 -28.07
N ARG C 66 9.24 18.82 -28.74
CA ARG C 66 9.70 18.78 -30.14
C ARG C 66 10.90 19.73 -30.19
N HIS C 67 12.07 19.21 -29.78
CA HIS C 67 13.28 20.00 -29.68
C HIS C 67 14.50 19.11 -29.87
N VAL C 68 15.48 19.62 -30.62
CA VAL C 68 16.63 18.83 -31.05
C VAL C 68 17.46 18.31 -29.86
N ASN C 69 17.36 18.94 -28.70
CA ASN C 69 18.08 18.49 -27.52
C ASN C 69 17.22 17.64 -26.59
N ILE C 70 16.03 17.23 -27.03
CA ILE C 70 15.14 16.37 -26.26
C ILE C 70 14.98 15.07 -27.02
N LEU C 71 15.16 13.95 -26.31
CA LEU C 71 14.93 12.63 -26.90
C LEU C 71 13.59 12.61 -27.62
N LEU C 72 13.58 12.10 -28.84
CA LEU C 72 12.41 12.17 -29.70
C LEU C 72 11.43 11.06 -29.29
N PHE C 73 10.33 11.45 -28.66
CA PHE C 73 9.22 10.53 -28.49
C PHE C 73 8.61 10.19 -29.84
N MET C 74 8.30 8.92 -30.04
CA MET C 74 7.78 8.46 -31.32
C MET C 74 6.41 7.79 -31.24
N GLY C 75 6.06 7.19 -30.12
CA GLY C 75 4.75 6.57 -30.00
C GLY C 75 4.66 5.75 -28.73
N TYR C 76 3.43 5.35 -28.42
CA TYR C 76 3.12 4.56 -27.24
C TYR C 76 2.37 3.29 -27.63
N MET C 77 2.31 2.35 -26.68
CA MET C 77 1.63 1.08 -26.85
C MET C 77 0.89 0.72 -25.57
N THR C 78 -0.04 -0.23 -25.67
CA THR C 78 -0.77 -0.73 -24.51
C THR C 78 -0.75 -2.26 -24.46
N LYS C 79 -0.79 -2.91 -25.63
CA LYS C 79 -0.91 -4.35 -25.69
C LYS C 79 0.30 -5.03 -25.04
N ASP C 80 0.08 -6.27 -24.59
CA ASP C 80 1.06 -7.03 -23.83
C ASP C 80 1.49 -6.24 -22.60
N ASN C 81 2.74 -5.80 -22.57
CA ASN C 81 3.23 -4.88 -21.55
C ASN C 81 3.22 -3.47 -22.11
N LEU C 82 2.87 -2.50 -21.27
CA LEU C 82 2.86 -1.11 -21.70
C LEU C 82 4.24 -0.69 -22.19
N ALA C 83 4.26 0.25 -23.13
CA ALA C 83 5.52 0.63 -23.74
C ALA C 83 5.48 2.07 -24.20
N ILE C 84 6.66 2.69 -24.21
CA ILE C 84 6.88 4.00 -24.82
C ILE C 84 8.03 3.85 -25.80
N VAL C 85 7.81 4.28 -27.04
CA VAL C 85 8.78 4.14 -28.12
C VAL C 85 9.46 5.50 -28.35
N THR C 86 10.79 5.48 -28.38
CA THR C 86 11.60 6.66 -28.65
C THR C 86 12.67 6.32 -29.66
N GLN C 87 13.41 7.34 -30.10
CA GLN C 87 14.50 7.12 -31.02
C GLN C 87 15.67 6.41 -30.33
N TRP C 88 16.44 5.68 -31.14
CA TRP C 88 17.64 5.02 -30.66
C TRP C 88 18.83 5.96 -30.89
N CYS C 89 19.40 6.46 -29.80
CA CYS C 89 20.57 7.32 -29.90
C CYS C 89 21.81 6.49 -30.17
N GLU C 90 22.59 6.89 -31.17
CA GLU C 90 23.85 6.22 -31.48
C GLU C 90 24.95 6.89 -30.66
N GLY C 91 25.62 6.09 -29.83
CA GLY C 91 26.69 6.61 -29.00
C GLY C 91 26.59 6.12 -27.56
N SER C 92 27.11 6.93 -26.64
CA SER C 92 27.10 6.59 -25.23
C SER C 92 26.46 7.72 -24.45
N SER C 93 26.09 7.42 -23.21
CA SER C 93 25.59 8.46 -22.32
C SER C 93 26.75 9.32 -21.84
N LEU C 94 26.41 10.54 -21.43
CA LEU C 94 27.42 11.42 -20.86
C LEU C 94 28.12 10.78 -19.66
N TYR C 95 27.36 10.04 -18.83
CA TYR C 95 27.97 9.31 -17.73
C TYR C 95 29.00 8.32 -18.25
N LYS C 96 28.63 7.52 -19.24
CA LYS C 96 29.59 6.56 -19.77
C LYS C 96 30.77 7.25 -20.44
N HIS C 97 30.55 8.40 -21.06
CA HIS C 97 31.66 9.15 -21.65
C HIS C 97 32.61 9.66 -20.57
N LEU C 98 32.08 10.17 -19.46
CA LEU C 98 32.92 10.82 -18.46
C LEU C 98 33.56 9.85 -17.46
N HIS C 99 32.84 8.83 -16.99
CA HIS C 99 33.29 8.03 -15.86
C HIS C 99 33.69 6.61 -16.23
N VAL C 100 33.31 6.13 -17.41
CA VAL C 100 33.64 4.77 -17.85
C VAL C 100 34.69 4.79 -18.97
N GLN C 101 34.35 5.37 -20.12
CA GLN C 101 35.27 5.39 -21.24
C GLN C 101 36.34 6.46 -21.08
N GLU C 102 36.16 7.39 -20.16
CA GLU C 102 37.10 8.51 -19.95
C GLU C 102 37.42 9.21 -21.27
N THR C 103 36.38 9.44 -22.08
CA THR C 103 36.54 10.19 -23.31
C THR C 103 37.12 11.57 -23.01
N LYS C 104 38.25 11.88 -23.63
CA LYS C 104 38.91 13.16 -23.40
C LYS C 104 38.24 14.23 -24.27
N PHE C 105 37.47 15.11 -23.65
CA PHE C 105 36.85 16.23 -24.33
C PHE C 105 37.72 17.47 -24.16
N GLN C 106 37.80 18.28 -25.21
CA GLN C 106 38.41 19.59 -25.07
C GLN C 106 37.44 20.54 -24.38
N MET C 107 37.99 21.57 -23.75
CA MET C 107 37.16 22.46 -22.94
C MET C 107 36.03 23.09 -23.74
N PHE C 108 36.25 23.38 -25.03
CA PHE C 108 35.17 23.95 -25.83
C PHE C 108 34.07 22.91 -26.08
N GLN C 109 34.43 21.63 -26.13
CA GLN C 109 33.41 20.59 -26.26
C GLN C 109 32.63 20.43 -24.95
N LEU C 110 33.31 20.54 -23.81
CA LEU C 110 32.63 20.48 -22.53
C LEU C 110 31.66 21.65 -22.36
N ILE C 111 32.08 22.84 -22.78
CA ILE C 111 31.18 23.98 -22.69
C ILE C 111 30.02 23.83 -23.67
N ASP C 112 30.27 23.20 -24.83
CA ASP C 112 29.19 22.97 -25.79
C ASP C 112 28.16 21.99 -25.26
N ILE C 113 28.62 20.92 -24.60
CA ILE C 113 27.70 19.99 -23.95
C ILE C 113 26.88 20.71 -22.88
N ALA C 114 27.55 21.56 -22.09
CA ALA C 114 26.83 22.33 -21.08
C ALA C 114 25.80 23.26 -21.71
N ARG C 115 26.09 23.80 -22.89
CA ARG C 115 25.15 24.71 -23.54
C ARG C 115 23.94 23.97 -24.07
N GLN C 116 24.16 22.88 -24.81
CA GLN C 116 23.05 22.13 -25.39
C GLN C 116 22.13 21.58 -24.32
N THR C 117 22.68 21.12 -23.21
CA THR C 117 21.85 20.64 -22.11
C THR C 117 20.99 21.77 -21.56
N ALA C 118 21.59 22.93 -21.31
CA ALA C 118 20.83 24.09 -20.88
C ALA C 118 19.79 24.50 -21.91
N GLN C 119 20.10 24.35 -23.20
CA GLN C 119 19.13 24.66 -24.24
C GLN C 119 17.89 23.79 -24.13
N GLY C 120 18.08 22.47 -24.00
CA GLY C 120 16.94 21.58 -23.87
C GLY C 120 16.19 21.79 -22.57
N MET C 121 16.91 21.97 -21.47
CA MET C 121 16.24 22.25 -20.19
C MET C 121 15.42 23.52 -20.28
N ASP C 122 15.97 24.59 -20.88
CA ASP C 122 15.20 25.81 -21.05
C ASP C 122 13.95 25.58 -21.88
N TYR C 123 14.05 24.75 -22.91
CA TYR C 123 12.86 24.37 -23.67
C TYR C 123 11.85 23.67 -22.79
N LEU C 124 12.33 22.80 -21.90
CA LEU C 124 11.42 22.04 -21.03
C LEU C 124 10.70 22.97 -20.05
N HIS C 125 11.45 23.82 -19.34
CA HIS C 125 10.87 24.71 -18.36
C HIS C 125 9.89 25.70 -19.00
N ALA C 126 10.24 26.19 -20.20
CA ALA C 126 9.36 27.12 -20.91
C ALA C 126 7.98 26.52 -21.15
N LYS C 127 7.90 25.19 -21.24
CA LYS C 127 6.62 24.48 -21.32
C LYS C 127 6.21 23.89 -19.97
N ASN C 128 6.73 24.44 -18.86
CA ASN C 128 6.36 24.04 -17.51
C ASN C 128 6.58 22.54 -17.27
N ILE C 129 7.74 22.05 -17.72
CA ILE C 129 8.15 20.66 -17.49
C ILE C 129 9.22 20.66 -16.41
N ILE C 130 9.05 19.80 -15.41
CA ILE C 130 10.10 19.52 -14.43
C ILE C 130 10.59 18.11 -14.69
N HIS C 131 11.88 17.99 -15.04
CA HIS C 131 12.42 16.67 -15.33
C HIS C 131 12.51 15.81 -14.07
N ARG C 132 12.99 16.40 -12.97
CA ARG C 132 13.05 15.79 -11.64
C ARG C 132 14.02 14.63 -11.52
N ASP C 133 14.60 14.17 -12.63
CA ASP C 133 15.55 13.07 -12.59
C ASP C 133 16.73 13.37 -13.50
N MET C 134 17.22 14.61 -13.46
CA MET C 134 18.34 15.00 -14.31
C MET C 134 19.65 14.48 -13.75
N LYS C 135 20.46 13.88 -14.61
CA LYS C 135 21.73 13.28 -14.26
C LYS C 135 22.45 12.91 -15.55
N SER C 136 23.77 12.77 -15.47
CA SER C 136 24.53 12.47 -16.69
C SER C 136 24.15 11.11 -17.28
N ASN C 137 23.48 10.23 -16.52
CA ASN C 137 23.06 8.97 -17.13
C ASN C 137 21.93 9.17 -18.13
N ASN C 138 21.17 10.27 -17.99
CA ASN C 138 20.01 10.52 -18.82
C ASN C 138 20.27 11.57 -19.89
N ILE C 139 21.53 11.91 -20.12
CA ILE C 139 21.95 12.80 -21.19
C ILE C 139 22.75 11.95 -22.16
N PHE C 140 22.23 11.77 -23.36
CA PHE C 140 22.88 10.94 -24.36
C PHE C 140 23.56 11.82 -25.40
N LEU C 141 24.79 11.46 -25.75
CA LEU C 141 25.57 12.20 -26.75
C LEU C 141 25.34 11.55 -28.10
N HIS C 142 24.26 11.96 -28.77
CA HIS C 142 23.87 11.40 -30.05
C HIS C 142 24.98 11.61 -31.08
N GLU C 143 25.71 10.54 -31.40
CA GLU C 143 26.79 10.59 -32.39
C GLU C 143 27.88 11.58 -32.00
N GLY C 144 28.06 11.79 -30.69
CA GLY C 144 29.16 12.58 -30.18
C GLY C 144 28.97 14.06 -30.45
N LEU C 145 27.83 14.40 -31.04
CA LEU C 145 27.53 15.77 -31.43
C LEU C 145 26.40 16.38 -30.61
N THR C 146 25.21 15.78 -30.64
CA THR C 146 24.00 16.45 -30.19
C THR C 146 23.54 15.88 -28.85
N VAL C 147 23.44 16.73 -27.83
CA VAL C 147 22.89 16.30 -26.54
C VAL C 147 21.43 15.91 -26.72
N LYS C 148 21.06 14.77 -26.15
CA LYS C 148 19.66 14.34 -26.11
C LYS C 148 19.28 14.02 -24.67
N ILE C 149 18.33 14.77 -24.12
CA ILE C 149 17.85 14.56 -22.76
C ILE C 149 16.73 13.53 -22.79
N GLY C 150 16.88 12.48 -21.98
CA GLY C 150 15.90 11.42 -22.00
C GLY C 150 15.46 10.96 -20.62
N ASP C 151 14.78 9.81 -20.56
CA ASP C 151 14.28 9.22 -19.33
C ASP C 151 13.41 10.23 -18.56
N PHE C 152 12.21 10.43 -19.10
CA PHE C 152 11.21 11.30 -18.47
C PHE C 152 10.25 10.54 -17.57
N GLY C 153 10.67 9.37 -17.07
CA GLY C 153 9.78 8.57 -16.23
C GLY C 153 9.34 9.26 -14.96
N LEU C 154 10.16 10.16 -14.43
CA LEU C 154 9.80 10.90 -13.24
C LEU C 154 9.36 12.32 -13.53
N ALA C 155 9.22 12.68 -14.79
CA ALA C 155 8.94 14.07 -15.13
C ALA C 155 7.47 14.40 -14.85
N THR C 156 7.19 15.69 -14.78
CA THR C 156 5.84 16.17 -14.49
C THR C 156 5.70 17.60 -15.00
N VAL C 157 4.44 17.97 -15.26
CA VAL C 157 4.08 19.32 -15.68
C VAL C 157 3.64 20.10 -14.45
N LYS C 158 4.11 21.35 -14.35
CA LYS C 158 3.72 22.21 -13.24
C LYS C 158 2.29 22.68 -13.42
N SER C 159 1.49 22.57 -12.36
CA SER C 159 0.07 22.89 -12.42
C SER C 159 -0.33 23.63 -11.15
N ARG C 160 -1.60 24.04 -11.10
CA ARG C 160 -2.14 24.79 -9.97
C ARG C 160 -2.60 23.90 -8.82
N TRP C 161 -2.26 22.60 -8.86
CA TRP C 161 -2.48 21.70 -7.75
C TRP C 161 -1.23 20.87 -7.43
N SER C 162 -0.07 21.24 -7.98
CA SER C 162 1.15 20.47 -7.76
C SER C 162 1.53 20.45 -6.29
N GLY C 163 1.41 21.58 -5.59
CA GLY C 163 1.65 21.59 -4.17
C GLY C 163 0.64 20.79 -3.37
N SER C 164 -0.53 20.54 -3.94
CA SER C 164 -1.57 19.80 -3.22
C SER C 164 -1.25 18.31 -3.13
N GLN C 165 -0.53 17.78 -4.12
CA GLN C 165 -0.24 16.36 -4.17
C GLN C 165 0.99 16.04 -3.35
N GLN C 166 0.96 14.90 -2.67
CA GLN C 166 2.09 14.41 -1.90
C GLN C 166 2.93 13.53 -2.82
N VAL C 167 4.13 14.00 -3.17
CA VAL C 167 5.02 13.23 -4.02
C VAL C 167 5.65 12.10 -3.19
N GLU C 168 6.15 11.10 -3.88
CA GLU C 168 6.87 10.01 -3.24
C GLU C 168 8.37 10.24 -3.39
N GLN C 169 9.15 9.54 -2.57
CA GLN C 169 10.58 9.74 -2.55
C GLN C 169 11.18 9.38 -3.91
N PRO C 170 12.18 10.13 -4.39
CA PRO C 170 12.70 9.89 -5.75
C PRO C 170 13.35 8.53 -5.92
N THR C 171 13.96 7.99 -4.86
CA THR C 171 14.55 6.65 -4.88
C THR C 171 15.52 6.46 -6.04
N GLY C 172 16.12 7.54 -6.51
CA GLY C 172 17.14 7.48 -7.55
C GLY C 172 18.53 7.48 -6.96
N SER C 173 19.43 8.19 -7.63
CA SER C 173 20.76 8.45 -7.10
C SER C 173 20.75 9.79 -6.38
N VAL C 174 21.33 9.80 -5.19
CA VAL C 174 21.34 11.02 -4.37
C VAL C 174 22.33 12.06 -4.88
N LEU C 175 23.27 11.68 -5.75
CA LEU C 175 24.34 12.60 -6.13
C LEU C 175 23.81 13.85 -6.82
N TRP C 176 22.71 13.75 -7.55
CA TRP C 176 22.16 14.85 -8.31
C TRP C 176 20.96 15.51 -7.66
N MET C 177 20.50 14.99 -6.51
CA MET C 177 19.31 15.52 -5.85
C MET C 177 19.64 16.78 -5.05
N ALA C 178 18.84 17.83 -5.28
CA ALA C 178 18.97 19.07 -4.52
C ALA C 178 18.69 18.83 -3.04
N PRO C 179 19.30 19.64 -2.16
CA PRO C 179 19.12 19.40 -0.72
C PRO C 179 17.68 19.43 -0.25
N GLU C 180 16.85 20.28 -0.84
CA GLU C 180 15.43 20.31 -0.46
C GLU C 180 14.68 19.10 -1.00
N VAL C 181 15.18 18.48 -2.07
CA VAL C 181 14.58 17.23 -2.54
C VAL C 181 14.99 16.08 -1.64
N ILE C 182 16.18 16.18 -1.04
CA ILE C 182 16.60 15.17 -0.08
C ILE C 182 15.84 15.30 1.23
N ARG C 183 15.65 16.52 1.70
CA ARG C 183 15.04 16.71 3.01
C ARG C 183 13.56 16.29 3.02
N MET C 184 12.85 16.50 1.91
CA MET C 184 11.44 16.10 1.79
C MET C 184 10.60 16.66 2.92
N GLN C 185 10.87 17.91 3.29
CA GLN C 185 10.10 18.56 4.35
C GLN C 185 8.83 19.21 3.82
N ASP C 186 8.85 19.68 2.58
CA ASP C 186 7.66 20.19 1.91
C ASP C 186 6.96 19.05 1.18
N ASN C 187 5.69 19.29 0.83
CA ASN C 187 4.93 18.29 0.09
C ASN C 187 5.54 18.03 -1.28
N ASN C 188 5.96 19.10 -1.96
CA ASN C 188 6.50 19.01 -3.31
C ASN C 188 7.75 19.85 -3.38
N PRO C 189 8.92 19.26 -3.08
CA PRO C 189 10.17 20.03 -3.15
C PRO C 189 10.65 20.31 -4.56
N PHE C 190 10.11 19.63 -5.57
CA PHE C 190 10.63 19.80 -6.93
C PHE C 190 10.20 21.14 -7.53
N SER C 191 11.06 21.68 -8.38
CA SER C 191 10.83 22.98 -9.01
C SER C 191 11.84 23.15 -10.14
N PHE C 192 11.75 24.31 -10.82
CA PHE C 192 12.78 24.68 -11.79
C PHE C 192 14.15 24.68 -11.16
N GLN C 193 14.26 25.20 -9.92
CA GLN C 193 15.57 25.31 -9.30
C GLN C 193 16.12 23.95 -8.89
N SER C 194 15.25 22.98 -8.61
CA SER C 194 15.75 21.63 -8.33
C SER C 194 16.31 21.00 -9.60
N ASP C 195 15.69 21.25 -10.75
CA ASP C 195 16.30 20.86 -12.03
C ASP C 195 17.63 21.58 -12.22
N VAL C 196 17.71 22.86 -11.84
CA VAL C 196 18.95 23.62 -12.03
C VAL C 196 20.08 23.02 -11.20
N TYR C 197 19.79 22.67 -9.94
CA TYR C 197 20.80 22.02 -9.10
C TYR C 197 21.34 20.75 -9.77
N SER C 198 20.43 19.86 -10.18
CA SER C 198 20.85 18.65 -10.91
C SER C 198 21.72 19.00 -12.11
N TYR C 199 21.36 20.06 -12.83
CA TYR C 199 22.18 20.52 -13.95
C TYR C 199 23.54 21.01 -13.46
N GLY C 200 23.57 21.63 -12.29
CA GLY C 200 24.84 22.10 -11.74
C GLY C 200 25.77 20.96 -11.41
N ILE C 201 25.23 19.85 -10.91
CA ILE C 201 26.06 18.67 -10.66
C ILE C 201 26.58 18.11 -11.98
N VAL C 202 25.76 18.14 -13.03
CA VAL C 202 26.24 17.70 -14.33
C VAL C 202 27.39 18.60 -14.79
N LEU C 203 27.28 19.91 -14.59
CA LEU C 203 28.40 20.79 -14.88
C LEU C 203 29.63 20.38 -14.10
N TYR C 204 29.46 20.05 -12.81
CA TYR C 204 30.59 19.59 -12.01
C TYR C 204 31.25 18.38 -12.64
N GLU C 205 30.45 17.43 -13.13
CA GLU C 205 31.03 16.27 -13.79
C GLU C 205 31.81 16.68 -15.03
N LEU C 206 31.28 17.63 -15.80
CA LEU C 206 31.96 18.04 -17.01
C LEU C 206 33.26 18.76 -16.71
N MET C 207 33.24 19.68 -15.74
CA MET C 207 34.36 20.55 -15.44
C MET C 207 35.33 19.98 -14.41
N THR C 208 35.10 18.76 -13.91
CA THR C 208 36.07 18.09 -13.07
C THR C 208 36.46 16.71 -13.56
N GLY C 209 35.62 16.05 -14.36
CA GLY C 209 35.84 14.66 -14.72
C GLY C 209 35.50 13.66 -13.64
N GLU C 210 35.00 14.11 -12.49
CA GLU C 210 34.72 13.25 -11.36
C GLU C 210 33.27 13.43 -10.92
N LEU C 211 32.73 12.41 -10.28
CA LEU C 211 31.46 12.54 -9.58
C LEU C 211 31.67 13.27 -8.26
N PRO C 212 30.66 14.00 -7.78
CA PRO C 212 30.79 14.67 -6.49
C PRO C 212 30.89 13.67 -5.34
N TYR C 213 31.49 14.14 -4.24
CA TYR C 213 31.62 13.37 -3.00
C TYR C 213 32.40 12.08 -3.25
N SER C 214 33.58 12.20 -3.86
CA SER C 214 34.45 11.05 -4.08
C SER C 214 34.90 10.43 -2.76
N HIS C 215 35.03 11.23 -1.70
CA HIS C 215 35.55 10.72 -0.44
C HIS C 215 34.49 10.00 0.38
N ILE C 216 33.23 10.04 -0.05
CA ILE C 216 32.14 9.47 0.73
C ILE C 216 31.65 8.22 0.01
N ASN C 217 31.86 7.05 0.64
CA ASN C 217 31.42 5.79 0.06
C ASN C 217 30.23 5.24 0.84
N ASN C 218 29.27 6.10 1.14
CA ASN C 218 28.19 5.73 2.05
C ASN C 218 26.95 6.53 1.64
N ARG C 219 25.95 5.84 1.05
CA ARG C 219 24.79 6.55 0.52
C ARG C 219 24.07 7.34 1.59
N ASP C 220 23.89 6.75 2.78
CA ASP C 220 23.17 7.45 3.84
C ASP C 220 23.99 8.62 4.39
N GLN C 221 25.31 8.53 4.32
CA GLN C 221 26.13 9.67 4.73
C GLN C 221 25.96 10.85 3.77
N ILE C 222 25.86 10.56 2.46
CA ILE C 222 25.58 11.62 1.50
C ILE C 222 24.20 12.21 1.76
N ILE C 223 23.20 11.36 1.96
CA ILE C 223 21.84 11.84 2.19
C ILE C 223 21.80 12.79 3.37
N PHE C 224 22.48 12.42 4.47
CA PHE C 224 22.43 13.23 5.69
C PHE C 224 23.22 14.53 5.55
N MET C 225 24.47 14.44 5.08
CA MET C 225 25.33 15.61 5.10
C MET C 225 24.90 16.63 4.05
N VAL C 226 24.46 16.17 2.88
CA VAL C 226 23.97 17.11 1.88
C VAL C 226 22.64 17.71 2.31
N GLY C 227 21.76 16.89 2.88
CA GLY C 227 20.49 17.40 3.38
C GLY C 227 20.66 18.42 4.50
N ARG C 228 21.65 18.20 5.37
CA ARG C 228 21.97 19.11 6.46
C ARG C 228 22.84 20.29 6.02
N GLY C 229 23.22 20.35 4.75
CA GLY C 229 24.11 21.38 4.27
C GLY C 229 25.57 21.22 4.67
N TYR C 230 25.92 20.13 5.34
CA TYR C 230 27.28 19.89 5.79
C TYR C 230 28.22 19.47 4.67
N ALA C 231 27.71 19.24 3.46
CA ALA C 231 28.54 18.77 2.36
C ALA C 231 28.06 19.38 1.06
N SER C 232 29.00 19.58 0.14
CA SER C 232 28.71 20.20 -1.15
C SER C 232 29.85 19.87 -2.09
N PRO C 233 29.63 19.98 -3.41
CA PRO C 233 30.71 19.63 -4.34
C PRO C 233 31.95 20.47 -4.10
N ASP C 234 33.11 19.83 -4.26
CA ASP C 234 34.41 20.45 -4.01
C ASP C 234 34.84 21.23 -5.25
N LEU C 235 34.70 22.56 -5.19
CA LEU C 235 34.96 23.37 -6.38
C LEU C 235 36.44 23.43 -6.74
N SER C 236 37.34 23.09 -5.81
CA SER C 236 38.76 23.07 -6.14
C SER C 236 39.12 21.97 -7.12
N LYS C 237 38.22 21.01 -7.36
CA LYS C 237 38.48 19.95 -8.31
C LYS C 237 38.22 20.37 -9.74
N LEU C 238 37.74 21.60 -9.97
CA LEU C 238 37.51 22.07 -11.33
C LEU C 238 38.83 22.27 -12.04
N TYR C 239 38.83 21.98 -13.34
CA TYR C 239 40.03 22.14 -14.16
C TYR C 239 40.54 23.57 -14.09
N LYS C 240 41.87 23.72 -14.11
CA LYS C 240 42.45 25.03 -14.37
C LYS C 240 42.08 25.52 -15.76
N ASN C 241 41.82 24.59 -16.68
CA ASN C 241 41.35 24.91 -18.02
C ASN C 241 39.96 25.53 -18.04
N CYS C 242 39.25 25.50 -16.92
CA CYS C 242 37.85 25.90 -16.88
C CYS C 242 37.73 27.40 -16.64
N PRO C 243 37.07 28.16 -17.51
CA PRO C 243 36.99 29.61 -17.34
C PRO C 243 36.31 29.98 -16.03
N LYS C 244 36.70 31.15 -15.50
CA LYS C 244 36.18 31.60 -14.22
C LYS C 244 34.66 31.81 -14.26
N ALA C 245 34.13 32.24 -15.41
CA ALA C 245 32.69 32.39 -15.54
C ALA C 245 32.00 31.03 -15.43
N MET C 246 32.57 30.01 -16.05
CA MET C 246 32.05 28.66 -15.91
C MET C 246 32.12 28.19 -14.46
N LYS C 247 33.23 28.48 -13.78
CA LYS C 247 33.36 28.09 -12.38
C LYS C 247 32.29 28.77 -11.53
N ARG C 248 32.00 30.04 -11.80
CA ARG C 248 30.93 30.72 -11.10
C ARG C 248 29.58 30.08 -11.41
N LEU C 249 29.37 29.70 -12.67
CA LEU C 249 28.11 29.09 -13.07
C LEU C 249 27.85 27.80 -12.33
N VAL C 250 28.87 26.97 -12.16
CA VAL C 250 28.71 25.73 -11.39
C VAL C 250 28.33 26.06 -9.96
N ALA C 251 29.09 26.95 -9.32
CA ALA C 251 28.82 27.33 -7.94
C ALA C 251 27.41 27.91 -7.78
N ASP C 252 27.01 28.80 -8.70
CA ASP C 252 25.67 29.39 -8.62
C ASP C 252 24.57 28.35 -8.79
N CYS C 253 24.78 27.35 -9.65
CA CYS C 253 23.75 26.34 -9.87
C CYS C 253 23.58 25.37 -8.71
N VAL C 254 24.61 25.15 -7.90
CA VAL C 254 24.52 24.21 -6.78
C VAL C 254 24.36 24.93 -5.45
N LYS C 255 23.89 26.18 -5.46
CA LYS C 255 23.65 26.91 -4.21
C LYS C 255 22.66 26.16 -3.34
N LYS C 256 22.92 26.15 -2.03
CA LYS C 256 22.06 25.40 -1.13
C LYS C 256 20.68 26.03 -1.03
N VAL C 257 20.59 27.35 -1.15
CA VAL C 257 19.32 28.06 -1.10
C VAL C 257 18.64 27.97 -2.46
N LYS C 258 17.45 27.39 -2.49
CA LYS C 258 16.71 27.16 -3.73
C LYS C 258 16.57 28.45 -4.54
N GLU C 259 16.05 29.51 -3.92
CA GLU C 259 15.72 30.72 -4.65
C GLU C 259 16.94 31.40 -5.26
N GLU C 260 18.14 31.16 -4.71
CA GLU C 260 19.34 31.82 -5.21
C GLU C 260 19.88 31.19 -6.49
N ARG C 261 19.36 30.05 -6.90
CA ARG C 261 19.87 29.37 -8.08
C ARG C 261 19.32 30.02 -9.35
N PRO C 262 20.15 30.37 -10.31
CA PRO C 262 19.64 31.03 -11.52
C PRO C 262 18.84 30.06 -12.38
N LEU C 263 17.92 30.61 -13.15
CA LEU C 263 17.10 29.84 -14.07
C LEU C 263 17.78 29.72 -15.42
N PHE C 264 17.25 28.86 -16.28
CA PHE C 264 17.98 28.49 -17.47
C PHE C 264 18.15 29.62 -18.49
N PRO C 265 17.21 30.57 -18.60
CA PRO C 265 17.53 31.77 -19.39
C PRO C 265 18.81 32.46 -18.93
N GLN C 266 19.03 32.57 -17.62
CA GLN C 266 20.29 33.13 -17.13
C GLN C 266 21.46 32.22 -17.44
N ILE C 267 21.26 30.90 -17.34
CA ILE C 267 22.33 29.94 -17.67
C ILE C 267 22.76 30.12 -19.11
N LEU C 268 21.79 30.20 -20.04
CA LEU C 268 22.13 30.36 -21.45
C LEU C 268 22.90 31.65 -21.69
N SER C 269 22.44 32.77 -21.12
CA SER C 269 23.14 34.04 -21.30
C SER C 269 24.58 33.95 -20.80
N SER C 270 24.78 33.31 -19.65
CA SER C 270 26.13 33.23 -19.09
C SER C 270 27.04 32.41 -19.99
N ILE C 271 26.58 31.26 -20.47
CA ILE C 271 27.42 30.42 -21.31
C ILE C 271 27.73 31.11 -22.62
N GLU C 272 26.72 31.75 -23.23
CA GLU C 272 26.94 32.37 -24.53
C GLU C 272 27.99 33.47 -24.46
N LEU C 273 28.01 34.20 -23.34
CA LEU C 273 28.98 35.27 -23.18
C LEU C 273 30.40 34.72 -23.11
N LEU C 274 30.62 33.71 -22.27
CA LEU C 274 31.95 33.13 -22.13
C LEU C 274 32.35 32.33 -23.37
N GLN C 275 31.38 31.89 -24.19
CA GLN C 275 31.71 31.25 -25.45
C GLN C 275 32.15 32.25 -26.51
N HIS C 276 31.44 33.39 -26.62
CA HIS C 276 31.89 34.45 -27.51
C HIS C 276 33.30 34.91 -27.17
N SER C 277 33.63 34.93 -25.88
CA SER C 277 34.96 35.28 -25.41
C SER C 277 36.02 34.36 -26.01
N LEU C 278 35.96 33.07 -25.65
CA LEU C 278 36.85 32.03 -26.17
C LEU C 278 37.08 32.13 -27.67
N GLU D 4 36.79 -17.93 21.36
CA GLU D 4 35.60 -17.44 20.68
C GLU D 4 35.58 -17.87 19.23
N LEU D 5 36.77 -17.97 18.63
CA LEU D 5 36.92 -18.47 17.27
C LEU D 5 37.28 -19.95 17.25
N GLU D 6 37.15 -20.63 18.39
CA GLU D 6 37.33 -22.08 18.44
C GLU D 6 36.05 -22.78 18.01
N LEU D 7 36.20 -23.84 17.21
CA LEU D 7 35.08 -24.60 16.70
C LEU D 7 34.94 -25.91 17.48
N ASP D 8 33.70 -26.32 17.72
CA ASP D 8 33.47 -27.63 18.30
C ASP D 8 33.65 -28.71 17.23
N GLU D 9 33.37 -29.95 17.59
CA GLU D 9 33.53 -31.04 16.64
C GLU D 9 32.54 -30.93 15.50
N GLN D 10 31.29 -30.56 15.79
CA GLN D 10 30.26 -30.50 14.76
C GLN D 10 30.51 -29.38 13.76
N GLN D 11 30.93 -28.20 14.25
CA GLN D 11 31.21 -27.09 13.34
C GLN D 11 32.43 -27.38 12.49
N ARG D 12 33.43 -28.05 13.06
CA ARG D 12 34.63 -28.38 12.29
C ARG D 12 34.31 -29.37 11.17
N LYS D 13 33.40 -30.31 11.43
CA LYS D 13 33.03 -31.25 10.37
C LYS D 13 32.17 -30.58 9.31
N ARG D 14 31.29 -29.67 9.72
CA ARG D 14 30.48 -28.96 8.74
C ARG D 14 31.34 -28.08 7.83
N LEU D 15 32.37 -27.45 8.40
CA LEU D 15 33.24 -26.60 7.61
C LEU D 15 34.09 -27.42 6.64
N GLU D 16 34.59 -28.57 7.11
CA GLU D 16 35.37 -29.44 6.23
C GLU D 16 34.51 -30.01 5.11
N ALA D 17 33.24 -30.29 5.41
CA ALA D 17 32.35 -30.84 4.39
C ALA D 17 32.01 -29.80 3.34
N PHE D 18 31.84 -28.54 3.74
CA PHE D 18 31.59 -27.48 2.78
C PHE D 18 32.79 -27.30 1.85
N LEU D 19 34.00 -27.27 2.41
CA LEU D 19 35.20 -27.13 1.58
C LEU D 19 35.31 -28.29 0.60
N THR D 20 34.99 -29.51 1.05
CA THR D 20 35.02 -30.67 0.17
C THR D 20 34.02 -30.51 -0.98
N GLN D 21 32.78 -30.14 -0.65
CA GLN D 21 31.80 -29.87 -1.71
C GLN D 21 32.28 -28.74 -2.62
N LYS D 22 33.01 -27.77 -2.06
CA LYS D 22 33.51 -26.65 -2.84
C LYS D 22 34.62 -27.08 -3.78
N GLN D 23 35.34 -28.16 -3.45
CA GLN D 23 36.37 -28.68 -4.35
C GLN D 23 35.79 -29.08 -5.69
N LYS D 24 34.59 -29.67 -5.69
CA LYS D 24 33.98 -30.15 -6.92
C LYS D 24 33.59 -29.02 -7.86
N VAL D 25 33.68 -27.77 -7.41
CA VAL D 25 33.31 -26.61 -8.21
C VAL D 25 34.56 -26.05 -8.87
N GLY D 26 34.52 -25.91 -10.19
CA GLY D 26 35.65 -25.38 -10.93
C GLY D 26 35.48 -23.94 -11.33
N GLU D 27 35.71 -23.62 -12.59
CA GLU D 27 35.48 -22.27 -13.09
C GLU D 27 33.99 -22.04 -13.30
N LEU D 28 33.49 -20.93 -12.76
CA LEU D 28 32.08 -20.59 -12.84
C LEU D 28 31.79 -19.82 -14.12
N LYS D 29 30.86 -20.34 -14.93
CA LYS D 29 30.43 -19.70 -16.17
C LYS D 29 28.91 -19.53 -16.15
N ASP D 30 28.44 -18.52 -16.87
CA ASP D 30 27.01 -18.23 -16.91
C ASP D 30 26.20 -19.43 -17.38
N ASP D 31 26.76 -20.23 -18.31
CA ASP D 31 26.02 -21.36 -18.86
C ASP D 31 25.88 -22.51 -17.88
N ASP D 32 26.77 -22.63 -16.90
CA ASP D 32 26.73 -23.74 -15.95
C ASP D 32 25.58 -23.64 -14.96
N PHE D 33 24.80 -22.56 -14.98
CA PHE D 33 23.78 -22.35 -13.96
C PHE D 33 22.39 -22.51 -14.56
N GLU D 34 21.47 -23.00 -13.73
CA GLU D 34 20.07 -23.15 -14.09
C GLU D 34 19.25 -22.47 -13.01
N LYS D 35 18.39 -21.54 -13.43
CA LYS D 35 17.57 -20.80 -12.47
C LYS D 35 16.49 -21.71 -11.90
N ILE D 36 16.33 -21.68 -10.58
CA ILE D 36 15.32 -22.47 -9.88
C ILE D 36 14.20 -21.59 -9.34
N SER D 37 14.54 -20.53 -8.62
CA SER D 37 13.56 -19.55 -8.16
C SER D 37 14.29 -18.26 -7.85
N GLU D 38 13.53 -17.24 -7.45
CA GLU D 38 14.07 -15.96 -7.01
C GLU D 38 13.93 -15.86 -5.50
N LEU D 39 15.06 -15.73 -4.80
CA LEU D 39 15.06 -15.58 -3.36
C LEU D 39 14.71 -14.16 -2.91
N GLY D 40 14.77 -13.18 -3.81
CA GLY D 40 14.49 -11.80 -3.47
C GLY D 40 15.42 -10.83 -4.17
N ALA D 41 15.30 -9.54 -3.85
CA ALA D 41 16.19 -8.52 -4.41
C ALA D 41 16.19 -7.25 -3.56
N VAL D 46 19.69 -8.49 -7.38
CA VAL D 46 18.76 -9.60 -7.35
C VAL D 46 19.49 -10.88 -6.96
N VAL D 47 18.79 -11.79 -6.28
CA VAL D 47 19.38 -13.03 -5.79
C VAL D 47 18.49 -14.19 -6.20
N PHE D 48 19.07 -15.16 -6.91
CA PHE D 48 18.35 -16.34 -7.37
C PHE D 48 18.88 -17.58 -6.67
N LYS D 49 17.98 -18.49 -6.32
CA LYS D 49 18.40 -19.84 -5.99
C LYS D 49 18.65 -20.58 -7.30
N VAL D 50 19.89 -21.02 -7.51
CA VAL D 50 20.28 -21.59 -8.79
C VAL D 50 20.89 -22.97 -8.55
N SER D 51 21.16 -23.65 -9.65
CA SER D 51 21.78 -24.96 -9.62
C SER D 51 23.02 -24.93 -10.51
N HIS D 52 24.14 -25.41 -9.98
CA HIS D 52 25.38 -25.49 -10.74
C HIS D 52 25.43 -26.89 -11.35
N LYS D 53 25.12 -26.98 -12.64
CA LYS D 53 24.95 -28.29 -13.27
C LYS D 53 26.17 -29.19 -13.16
N PRO D 54 27.40 -28.72 -13.47
CA PRO D 54 28.56 -29.62 -13.32
C PRO D 54 28.71 -30.24 -11.94
N SER D 55 28.48 -29.47 -10.88
CA SER D 55 28.67 -29.95 -9.51
C SER D 55 27.39 -30.48 -8.87
N GLY D 56 26.22 -30.09 -9.37
CA GLY D 56 24.97 -30.45 -8.74
C GLY D 56 24.63 -29.66 -7.50
N LEU D 57 25.46 -28.70 -7.12
CA LEU D 57 25.24 -27.97 -5.89
C LEU D 57 24.18 -26.89 -6.08
N VAL D 58 23.33 -26.72 -5.08
CA VAL D 58 22.44 -25.58 -5.02
C VAL D 58 23.23 -24.39 -4.48
N MET D 59 23.10 -23.25 -5.15
CA MET D 59 23.77 -22.03 -4.76
C MET D 59 22.79 -20.87 -4.79
N ALA D 60 23.24 -19.75 -4.23
CA ALA D 60 22.53 -18.48 -4.34
C ALA D 60 23.38 -17.55 -5.20
N ARG D 61 22.78 -17.03 -6.27
CA ARG D 61 23.48 -16.20 -7.24
C ARG D 61 22.98 -14.77 -7.14
N LYS D 62 23.79 -13.91 -6.54
CA LYS D 62 23.49 -12.48 -6.49
C LYS D 62 24.06 -11.79 -7.73
N LEU D 63 23.24 -10.96 -8.37
CA LEU D 63 23.66 -10.19 -9.52
C LEU D 63 23.69 -8.71 -9.15
N ILE D 64 24.77 -8.03 -9.55
CA ILE D 64 24.95 -6.62 -9.28
C ILE D 64 25.32 -5.95 -10.60
N HIS D 65 24.58 -4.93 -10.98
CA HIS D 65 24.87 -4.19 -12.21
C HIS D 65 25.58 -2.90 -11.87
N LEU D 66 26.71 -2.67 -12.54
CA LEU D 66 27.49 -1.46 -12.32
C LEU D 66 27.96 -0.92 -13.66
N GLU D 67 27.99 0.39 -13.78
CA GLU D 67 28.56 1.08 -14.95
C GLU D 67 29.89 1.67 -14.47
N ILE D 68 30.95 0.88 -14.58
CA ILE D 68 32.28 1.25 -14.13
C ILE D 68 33.28 0.90 -15.22
N LYS D 69 34.48 1.45 -15.08
CA LYS D 69 35.56 1.08 -15.98
C LYS D 69 35.83 -0.42 -15.86
N PRO D 70 36.16 -1.09 -16.97
CA PRO D 70 36.47 -2.52 -16.87
C PRO D 70 37.58 -2.85 -15.88
N ALA D 71 38.61 -2.01 -15.79
CA ALA D 71 39.68 -2.25 -14.83
C ALA D 71 39.15 -2.34 -13.41
N ILE D 72 38.25 -1.42 -13.03
CA ILE D 72 37.65 -1.46 -11.69
C ILE D 72 36.84 -2.74 -11.52
N ARG D 73 36.07 -3.11 -12.54
CA ARG D 73 35.30 -4.34 -12.47
C ARG D 73 36.19 -5.54 -12.20
N ASN D 74 37.34 -5.62 -12.88
CA ASN D 74 38.24 -6.75 -12.68
C ASN D 74 38.81 -6.74 -11.26
N GLN D 75 39.20 -5.57 -10.76
CA GLN D 75 39.70 -5.51 -9.39
C GLN D 75 38.64 -5.92 -8.39
N ILE D 76 37.37 -5.60 -8.65
CA ILE D 76 36.30 -6.05 -7.76
C ILE D 76 36.26 -7.57 -7.71
N ILE D 77 36.42 -8.22 -8.87
CA ILE D 77 36.44 -9.67 -8.91
C ILE D 77 37.64 -10.21 -8.15
N ARG D 78 38.79 -9.53 -8.27
CA ARG D 78 39.97 -9.94 -7.51
C ARG D 78 39.78 -9.72 -6.02
N GLU D 79 39.25 -8.57 -5.63
CA GLU D 79 39.00 -8.34 -4.21
C GLU D 79 37.98 -9.32 -3.65
N LEU D 80 37.00 -9.75 -4.46
CA LEU D 80 36.01 -10.68 -3.96
C LEU D 80 36.59 -12.07 -3.70
N GLN D 81 37.75 -12.38 -4.30
CA GLN D 81 38.39 -13.68 -4.07
C GLN D 81 38.79 -13.89 -2.62
N VAL D 82 39.01 -12.81 -1.87
CA VAL D 82 39.35 -12.89 -0.44
C VAL D 82 38.27 -13.68 0.31
N LEU D 83 37.05 -13.70 -0.20
CA LEU D 83 35.99 -14.51 0.40
C LEU D 83 36.32 -16.01 0.42
N HIS D 84 37.27 -16.47 -0.39
CA HIS D 84 37.71 -17.85 -0.30
C HIS D 84 38.41 -18.15 1.01
N GLU D 85 38.89 -17.12 1.72
CA GLU D 85 39.54 -17.29 3.00
C GLU D 85 38.60 -17.07 4.18
N CYS D 86 37.39 -16.59 3.93
CA CYS D 86 36.41 -16.33 4.99
C CYS D 86 35.60 -17.60 5.18
N ASN D 87 36.13 -18.50 6.01
CA ASN D 87 35.50 -19.77 6.33
C ASN D 87 35.28 -19.80 7.82
N SER D 88 34.02 -19.78 8.23
CA SER D 88 33.66 -19.70 9.63
C SER D 88 32.22 -20.18 9.78
N PRO D 89 31.88 -20.82 10.90
CA PRO D 89 30.47 -21.19 11.13
C PRO D 89 29.52 -20.02 11.05
N TYR D 90 30.01 -18.78 11.18
CA TYR D 90 29.16 -17.61 11.27
C TYR D 90 29.31 -16.69 10.06
N ILE D 91 29.79 -17.23 8.95
CA ILE D 91 29.96 -16.46 7.72
C ILE D 91 29.42 -17.31 6.58
N VAL D 92 28.54 -16.72 5.77
CA VAL D 92 28.04 -17.43 4.60
C VAL D 92 29.20 -17.81 3.70
N GLY D 93 29.19 -19.06 3.22
CA GLY D 93 30.24 -19.54 2.37
C GLY D 93 30.18 -18.96 0.98
N PHE D 94 31.30 -19.07 0.27
CA PHE D 94 31.53 -18.41 -1.00
C PHE D 94 32.00 -19.45 -2.00
N TYR D 95 31.42 -19.45 -3.20
CA TYR D 95 31.83 -20.36 -4.26
C TYR D 95 32.68 -19.67 -5.32
N GLY D 96 32.37 -18.44 -5.67
CA GLY D 96 33.11 -17.74 -6.69
C GLY D 96 32.35 -16.54 -7.18
N ALA D 97 33.04 -15.72 -7.97
CA ALA D 97 32.46 -14.51 -8.52
C ALA D 97 33.02 -14.25 -9.92
N PHE D 98 32.16 -13.86 -10.85
CA PHE D 98 32.57 -13.65 -12.23
C PHE D 98 31.71 -12.54 -12.84
N TYR D 99 32.01 -12.23 -14.11
CA TYR D 99 31.37 -11.17 -14.86
C TYR D 99 30.81 -11.73 -16.17
N SER D 100 29.59 -11.35 -16.50
CA SER D 100 28.95 -11.75 -17.76
C SER D 100 27.69 -10.92 -17.96
N ASP D 101 27.43 -10.54 -19.21
CA ASP D 101 26.26 -9.76 -19.60
C ASP D 101 26.18 -8.42 -18.87
N GLY D 102 27.31 -7.87 -18.44
CA GLY D 102 27.31 -6.59 -17.78
C GLY D 102 26.99 -6.61 -16.30
N GLU D 103 26.89 -7.79 -15.69
CA GLU D 103 26.51 -7.89 -14.28
C GLU D 103 27.50 -8.77 -13.55
N ILE D 104 27.88 -8.34 -12.35
CA ILE D 104 28.75 -9.13 -11.49
C ILE D 104 27.91 -10.20 -10.80
N SER D 105 28.33 -11.46 -10.93
CA SER D 105 27.65 -12.59 -10.30
C SER D 105 28.45 -13.03 -9.08
N ILE D 106 27.81 -13.02 -7.91
CA ILE D 106 28.41 -13.52 -6.69
C ILE D 106 27.66 -14.78 -6.30
N CYS D 107 28.37 -15.90 -6.27
CA CYS D 107 27.76 -17.20 -6.02
C CYS D 107 28.20 -17.67 -4.64
N MET D 108 27.23 -17.91 -3.77
CA MET D 108 27.52 -18.15 -2.37
C MET D 108 26.70 -19.32 -1.88
N GLU D 109 27.00 -19.75 -0.66
CA GLU D 109 26.24 -20.81 -0.02
C GLU D 109 24.75 -20.44 0.05
N HIS D 110 23.89 -21.40 -0.30
CA HIS D 110 22.45 -21.20 -0.20
C HIS D 110 21.98 -21.46 1.23
N MET D 111 21.24 -20.51 1.79
CA MET D 111 20.69 -20.64 3.14
C MET D 111 19.18 -20.85 3.02
N ASP D 112 18.73 -22.07 3.28
CA ASP D 112 17.33 -22.42 3.06
C ASP D 112 16.39 -21.78 4.08
N GLY D 113 16.92 -21.21 5.15
CA GLY D 113 16.09 -20.46 6.08
C GLY D 113 15.87 -19.00 5.70
N GLY D 114 16.57 -18.49 4.68
CA GLY D 114 16.44 -17.09 4.32
C GLY D 114 17.07 -16.15 5.34
N SER D 115 16.74 -14.87 5.19
CA SER D 115 17.24 -13.82 6.06
C SER D 115 16.31 -13.61 7.25
N LEU D 116 16.89 -13.14 8.37
CA LEU D 116 16.09 -12.88 9.56
C LEU D 116 15.07 -11.77 9.34
N ASP D 117 15.25 -10.97 8.28
CA ASP D 117 14.18 -10.09 7.87
C ASP D 117 12.95 -10.89 7.43
N GLN D 118 13.18 -11.98 6.71
CA GLN D 118 12.07 -12.85 6.29
C GLN D 118 11.53 -13.63 7.47
N VAL D 119 12.41 -14.15 8.33
CA VAL D 119 11.97 -14.89 9.51
C VAL D 119 11.11 -14.01 10.41
N LEU D 120 11.46 -12.72 10.52
CA LEU D 120 10.68 -11.82 11.36
C LEU D 120 9.25 -11.66 10.85
N LYS D 121 9.07 -11.53 9.52
CA LYS D 121 7.73 -11.40 8.96
C LYS D 121 6.87 -12.63 9.25
N LYS D 122 7.46 -13.82 9.22
CA LYS D 122 6.70 -15.03 9.53
C LYS D 122 6.55 -15.27 11.03
N ALA D 123 7.34 -14.60 11.86
CA ALA D 123 7.28 -14.80 13.30
C ALA D 123 6.61 -13.67 14.07
N GLY D 124 6.37 -12.52 13.43
CA GLY D 124 5.86 -11.36 14.14
C GLY D 124 6.91 -10.69 14.99
N ARG D 125 7.38 -11.40 16.01
CA ARG D 125 8.55 -11.01 16.79
C ARG D 125 9.32 -12.27 17.16
N ILE D 126 10.62 -12.13 17.28
CA ILE D 126 11.52 -13.25 17.55
C ILE D 126 11.76 -13.33 19.05
N PRO D 127 11.63 -14.50 19.67
CA PRO D 127 11.80 -14.60 21.12
C PRO D 127 13.19 -14.20 21.58
N GLU D 128 13.29 -13.87 22.87
CA GLU D 128 14.55 -13.38 23.41
C GLU D 128 15.62 -14.47 23.43
N GLN D 129 15.25 -15.71 23.74
CA GLN D 129 16.24 -16.78 23.76
C GLN D 129 16.79 -17.07 22.38
N ILE D 130 15.93 -16.99 21.36
CA ILE D 130 16.39 -17.10 19.98
C ILE D 130 17.33 -15.96 19.63
N LEU D 131 16.99 -14.74 20.04
CA LEU D 131 17.85 -13.60 19.76
C LEU D 131 19.17 -13.70 20.50
N GLY D 132 19.18 -14.39 21.65
CA GLY D 132 20.44 -14.62 22.34
C GLY D 132 21.41 -15.45 21.51
N LYS D 133 20.89 -16.47 20.82
CA LYS D 133 21.72 -17.25 19.90
C LYS D 133 22.10 -16.44 18.66
N VAL D 134 21.23 -15.53 18.23
CA VAL D 134 21.58 -14.64 17.12
C VAL D 134 22.70 -13.70 17.52
N SER D 135 22.63 -13.13 18.72
CA SER D 135 23.66 -12.19 19.18
C SER D 135 25.03 -12.86 19.23
N ILE D 136 25.08 -14.10 19.73
CA ILE D 136 26.34 -14.84 19.78
C ILE D 136 26.91 -15.01 18.38
N ALA D 137 26.06 -15.34 17.41
CA ALA D 137 26.52 -15.57 16.04
C ALA D 137 27.07 -14.29 15.42
N VAL D 138 26.32 -13.19 15.54
CA VAL D 138 26.78 -11.94 14.96
C VAL D 138 28.09 -11.51 15.61
N ILE D 139 28.15 -11.54 16.95
CA ILE D 139 29.36 -11.15 17.67
C ILE D 139 30.54 -12.03 17.25
N LYS D 140 30.32 -13.34 17.17
CA LYS D 140 31.41 -14.24 16.77
C LYS D 140 31.78 -14.03 15.31
N GLY D 141 30.80 -13.74 14.46
CA GLY D 141 31.10 -13.45 13.06
C GLY D 141 31.86 -12.16 12.88
N LEU D 142 31.45 -11.11 13.60
CA LEU D 142 32.21 -9.85 13.59
C LEU D 142 33.61 -10.04 14.15
N THR D 143 33.73 -10.86 15.20
CA THR D 143 35.05 -11.15 15.75
C THR D 143 35.91 -11.90 14.75
N TYR D 144 35.34 -12.88 14.04
CA TYR D 144 36.11 -13.62 13.06
C TYR D 144 36.65 -12.69 11.98
N LEU D 145 35.79 -11.82 11.45
CA LEU D 145 36.20 -10.91 10.38
C LEU D 145 37.29 -9.96 10.87
N ARG D 146 37.21 -9.50 12.11
CA ARG D 146 38.21 -8.57 12.64
C ARG D 146 39.53 -9.27 12.90
N GLU D 147 39.50 -10.39 13.63
CA GLU D 147 40.73 -11.07 14.02
C GLU D 147 41.44 -11.68 12.82
N LYS D 148 40.70 -12.34 11.92
CA LYS D 148 41.32 -13.13 10.87
C LYS D 148 41.46 -12.40 9.55
N HIS D 149 40.72 -11.32 9.33
CA HIS D 149 40.78 -10.62 8.06
C HIS D 149 40.90 -9.11 8.18
N LYS D 150 40.85 -8.55 9.38
CA LYS D 150 41.05 -7.12 9.62
C LYS D 150 40.07 -6.28 8.80
N ILE D 151 38.80 -6.70 8.75
CA ILE D 151 37.76 -5.92 8.11
C ILE D 151 36.52 -5.90 9.01
N MET D 152 35.77 -4.81 8.91
CA MET D 152 34.46 -4.75 9.53
C MET D 152 33.42 -5.21 8.53
N HIS D 153 32.16 -5.21 8.97
CA HIS D 153 31.07 -5.68 8.10
C HIS D 153 30.56 -4.56 7.19
N ARG D 154 30.13 -3.44 7.80
CA ARG D 154 29.67 -2.21 7.19
C ARG D 154 28.18 -2.22 6.85
N ASP D 155 27.50 -3.35 6.91
CA ASP D 155 26.08 -3.39 6.54
C ASP D 155 25.35 -4.48 7.32
N VAL D 156 25.46 -4.43 8.64
CA VAL D 156 24.75 -5.37 9.50
C VAL D 156 23.31 -4.91 9.65
N LYS D 157 22.38 -5.84 9.44
CA LYS D 157 20.94 -5.62 9.49
C LYS D 157 20.25 -6.97 9.36
N PRO D 158 18.95 -7.08 9.66
CA PRO D 158 18.31 -8.40 9.66
C PRO D 158 18.37 -9.11 8.31
N SER D 159 18.28 -8.39 7.19
CA SER D 159 18.33 -9.03 5.89
C SER D 159 19.70 -9.61 5.55
N ASN D 160 20.74 -9.23 6.29
CA ASN D 160 22.09 -9.74 6.04
C ASN D 160 22.54 -10.73 7.13
N ILE D 161 21.60 -11.24 7.92
CA ILE D 161 21.84 -12.35 8.83
C ILE D 161 21.01 -13.51 8.30
N LEU D 162 21.67 -14.52 7.75
CA LEU D 162 21.00 -15.66 7.14
C LEU D 162 21.05 -16.87 8.07
N VAL D 163 20.06 -17.75 7.93
CA VAL D 163 19.92 -18.93 8.77
C VAL D 163 19.59 -20.12 7.87
N ASN D 164 19.72 -21.33 8.43
CA ASN D 164 19.38 -22.54 7.69
C ASN D 164 18.78 -23.57 8.63
N SER D 165 18.25 -24.64 8.03
CA SER D 165 17.54 -25.65 8.80
C SER D 165 18.45 -26.47 9.70
N ARG D 166 19.77 -26.34 9.56
CA ARG D 166 20.69 -26.99 10.49
C ARG D 166 20.91 -26.17 11.76
N GLY D 167 20.21 -25.04 11.91
CA GLY D 167 20.38 -24.18 13.06
C GLY D 167 21.54 -23.20 12.98
N GLU D 168 22.16 -23.06 11.81
CA GLU D 168 23.30 -22.17 11.66
C GLU D 168 22.82 -20.74 11.45
N ILE D 169 23.63 -19.79 11.89
CA ILE D 169 23.35 -18.36 11.80
C ILE D 169 24.62 -17.68 11.30
N LYS D 170 24.54 -17.04 10.13
CA LYS D 170 25.72 -16.54 9.44
C LYS D 170 25.49 -15.13 8.91
N LEU D 171 26.56 -14.33 8.91
CA LEU D 171 26.57 -13.00 8.33
C LEU D 171 26.90 -13.07 6.84
N CYS D 172 26.43 -12.07 6.10
N CYS D 172 26.45 -12.06 6.11
CA CYS D 172 26.68 -12.00 4.67
CA CYS D 172 26.70 -12.00 4.68
C CYS D 172 26.71 -10.54 4.24
C CYS D 172 26.70 -10.54 4.23
N ASP D 173 27.14 -10.32 3.00
CA ASP D 173 27.12 -9.00 2.36
C ASP D 173 27.98 -7.97 3.10
N PHE D 174 29.11 -8.43 3.66
CA PHE D 174 30.01 -7.48 4.27
C PHE D 174 30.95 -6.87 3.22
N GLY D 175 31.63 -5.80 3.61
CA GLY D 175 32.46 -5.03 2.70
C GLY D 175 33.85 -5.61 2.50
N VAL D 176 33.92 -6.71 1.76
CA VAL D 176 35.20 -7.35 1.50
C VAL D 176 35.96 -6.68 0.37
N SER D 177 35.27 -5.92 -0.48
CA SER D 177 35.88 -5.30 -1.67
C SER D 177 35.75 -3.79 -1.59
N GLY D 178 36.88 -3.10 -1.42
CA GLY D 178 36.85 -1.65 -1.32
C GLY D 178 36.31 -1.00 -2.58
N GLN D 179 36.68 -1.55 -3.75
CA GLN D 179 36.17 -1.00 -4.99
C GLN D 179 34.65 -1.20 -5.11
N LEU D 180 34.13 -2.32 -4.60
CA LEU D 180 32.70 -2.56 -4.67
C LEU D 180 31.95 -1.64 -3.71
N ILE D 181 32.51 -1.41 -2.52
CA ILE D 181 31.94 -0.43 -1.60
C ILE D 181 31.83 0.93 -2.27
N ASP D 182 32.90 1.39 -2.91
CA ASP D 182 32.89 2.69 -3.56
C ASP D 182 31.90 2.72 -4.72
N ALA D 183 31.82 1.63 -5.49
CA ALA D 183 30.95 1.63 -6.66
C ALA D 183 29.48 1.61 -6.24
N MET D 184 29.15 0.94 -5.15
CA MET D 184 27.76 0.80 -4.73
C MET D 184 27.28 1.95 -3.86
N ALA D 185 28.07 3.02 -3.74
CA ALA D 185 27.68 4.17 -2.94
C ALA D 185 26.55 4.99 -3.58
N ASN D 186 26.09 4.63 -4.77
CA ASN D 186 24.97 5.33 -5.42
C ASN D 186 23.63 4.75 -4.97
N GLY D 190 17.00 1.88 -0.81
CA GLY D 190 16.71 1.67 0.61
C GLY D 190 15.88 2.78 1.23
N THR D 191 14.83 2.40 1.97
CA THR D 191 13.97 3.35 2.65
C THR D 191 14.23 3.45 4.14
N ARG D 192 14.78 2.41 4.77
CA ARG D 192 15.20 2.45 6.16
C ARG D 192 16.72 2.64 6.23
N SER D 193 17.26 2.58 7.44
CA SER D 193 18.69 2.72 7.63
C SER D 193 19.10 2.18 8.98
N TYR D 194 20.20 1.42 8.99
CA TYR D 194 20.81 0.90 10.21
C TYR D 194 22.19 1.49 10.44
N MET D 195 22.47 2.66 9.85
CA MET D 195 23.76 3.30 10.00
C MET D 195 23.92 3.94 11.36
N SER D 196 25.13 3.82 11.92
CA SER D 196 25.47 4.41 13.19
C SER D 196 25.55 5.93 13.08
N PRO D 197 25.32 6.64 14.19
CA PRO D 197 25.44 8.11 14.17
C PRO D 197 26.79 8.60 13.65
N GLU D 198 27.89 7.98 14.09
CA GLU D 198 29.19 8.49 13.70
C GLU D 198 29.45 8.32 12.20
N ARG D 199 28.91 7.26 11.59
CA ARG D 199 29.09 7.07 10.15
C ARG D 199 28.24 8.02 9.32
N LEU D 200 27.09 8.42 9.84
CA LEU D 200 26.27 9.40 9.13
C LEU D 200 26.95 10.77 9.10
N GLN D 201 27.73 11.11 10.12
CA GLN D 201 28.36 12.42 10.23
C GLN D 201 29.73 12.48 9.59
N GLY D 202 30.16 11.41 8.92
CA GLY D 202 31.43 11.45 8.25
C GLY D 202 32.63 11.18 9.12
N THR D 203 32.43 10.86 10.40
CA THR D 203 33.53 10.42 11.25
C THR D 203 34.11 9.12 10.72
N HIS D 204 35.40 8.90 11.00
CA HIS D 204 35.95 7.56 10.84
C HIS D 204 35.19 6.57 11.72
N TYR D 205 35.23 5.31 11.31
CA TYR D 205 34.37 4.30 11.90
C TYR D 205 35.12 2.98 11.97
N SER D 206 34.51 2.02 12.67
CA SER D 206 35.15 0.76 12.98
C SER D 206 34.05 -0.30 13.15
N VAL D 207 34.43 -1.46 13.68
CA VAL D 207 33.45 -2.48 14.02
C VAL D 207 32.46 -1.96 15.04
N GLN D 208 32.77 -0.85 15.73
CA GLN D 208 31.83 -0.27 16.67
C GLN D 208 30.52 0.09 15.99
N SER D 209 30.59 0.56 14.75
CA SER D 209 29.36 0.92 14.05
C SER D 209 28.55 -0.32 13.67
N ASP D 210 29.21 -1.46 13.44
CA ASP D 210 28.48 -2.71 13.26
C ASP D 210 27.75 -3.10 14.53
N ILE D 211 28.36 -2.86 15.70
CA ILE D 211 27.71 -3.19 16.97
C ILE D 211 26.44 -2.38 17.16
N TRP D 212 26.49 -1.09 16.82
CA TRP D 212 25.27 -0.29 16.81
C TRP D 212 24.23 -0.91 15.90
N SER D 213 24.63 -1.21 14.66
CA SER D 213 23.70 -1.81 13.71
C SER D 213 23.12 -3.12 14.24
N MET D 214 23.91 -3.89 14.99
CA MET D 214 23.37 -5.12 15.54
C MET D 214 22.34 -4.83 16.62
N GLY D 215 22.66 -3.92 17.54
CA GLY D 215 21.69 -3.55 18.57
C GLY D 215 20.40 -3.01 18.00
N LEU D 216 20.50 -2.22 16.92
CA LEU D 216 19.29 -1.73 16.28
C LEU D 216 18.49 -2.88 15.68
N SER D 217 19.17 -3.84 15.05
CA SER D 217 18.48 -5.00 14.48
C SER D 217 17.86 -5.86 15.57
N LEU D 218 18.52 -5.97 16.73
CA LEU D 218 17.97 -6.75 17.83
C LEU D 218 16.67 -6.14 18.34
N VAL D 219 16.62 -4.82 18.48
CA VAL D 219 15.38 -4.17 18.91
C VAL D 219 14.29 -4.40 17.88
N GLU D 220 14.62 -4.32 16.59
CA GLU D 220 13.60 -4.54 15.55
C GLU D 220 13.05 -5.96 15.60
N MET D 221 13.93 -6.96 15.75
CA MET D 221 13.46 -8.33 15.76
C MET D 221 12.74 -8.68 17.05
N ALA D 222 13.10 -8.03 18.16
CA ALA D 222 12.47 -8.32 19.45
C ALA D 222 11.05 -7.78 19.51
N VAL D 223 10.85 -6.54 19.09
CA VAL D 223 9.54 -5.92 19.10
C VAL D 223 8.82 -6.04 17.77
N GLY D 224 9.46 -6.61 16.76
CA GLY D 224 8.81 -6.82 15.48
C GLY D 224 8.49 -5.55 14.74
N ARG D 225 9.29 -4.50 14.93
CA ARG D 225 9.03 -3.20 14.34
C ARG D 225 10.35 -2.46 14.19
N TYR D 226 10.57 -1.86 13.04
CA TYR D 226 11.71 -0.98 12.84
C TYR D 226 11.64 0.16 13.84
N PRO D 227 12.63 0.35 14.69
CA PRO D 227 12.41 1.12 15.92
C PRO D 227 12.94 2.55 15.86
N ILE D 228 12.67 3.28 14.78
CA ILE D 228 13.08 4.67 14.66
C ILE D 228 11.89 5.46 14.15
N GLY D 229 11.33 6.29 15.03
CA GLY D 229 10.17 7.10 14.67
C GLY D 229 8.84 6.37 14.76
N MET D 235 7.67 8.53 7.58
CA MET D 235 8.89 9.31 7.74
C MET D 235 9.88 9.00 6.62
N ALA D 236 10.40 10.05 5.97
CA ALA D 236 11.32 9.89 4.85
C ALA D 236 12.70 9.46 5.34
N ILE D 237 13.59 9.18 4.39
CA ILE D 237 14.92 8.67 4.75
C ILE D 237 15.73 9.72 5.48
N PHE D 238 15.66 10.98 5.04
CA PHE D 238 16.44 12.03 5.69
C PHE D 238 16.01 12.22 7.14
N GLU D 239 14.70 12.20 7.39
CA GLU D 239 14.23 12.38 8.76
C GLU D 239 14.63 11.21 9.65
N LEU D 240 14.74 10.00 9.07
CA LEU D 240 15.29 8.88 9.81
C LEU D 240 16.75 9.12 10.17
N LEU D 241 17.55 9.62 9.23
CA LEU D 241 18.95 9.87 9.49
C LEU D 241 19.13 11.03 10.48
N ASP D 242 18.26 12.04 10.38
CA ASP D 242 18.27 13.12 11.36
C ASP D 242 17.91 12.60 12.73
N TYR D 243 16.95 11.67 12.79
CA TYR D 243 16.57 11.06 14.06
C TYR D 243 17.71 10.23 14.65
N ILE D 244 18.47 9.52 13.81
CA ILE D 244 19.56 8.70 14.33
C ILE D 244 20.64 9.59 14.94
N VAL D 245 20.94 10.71 14.29
CA VAL D 245 22.07 11.54 14.72
C VAL D 245 21.69 12.43 15.89
N ASN D 246 20.50 13.02 15.87
CA ASN D 246 20.15 14.06 16.82
C ASN D 246 19.23 13.61 17.93
N GLU D 247 18.68 12.41 17.88
CA GLU D 247 17.78 11.94 18.91
C GLU D 247 18.40 10.79 19.69
N PRO D 248 17.93 10.53 20.91
CA PRO D 248 18.49 9.43 21.70
C PRO D 248 18.17 8.09 21.06
N PRO D 249 18.99 7.07 21.32
CA PRO D 249 18.78 5.76 20.71
C PRO D 249 17.52 5.11 21.21
N PRO D 250 16.98 4.13 20.49
CA PRO D 250 15.82 3.38 20.98
C PRO D 250 16.25 2.41 22.06
N LYS D 251 15.26 1.75 22.66
CA LYS D 251 15.52 0.79 23.72
C LYS D 251 14.37 -0.21 23.77
N LEU D 252 14.66 -1.37 24.34
CA LEU D 252 13.63 -2.37 24.53
C LEU D 252 12.62 -1.89 25.58
N PRO D 253 11.35 -2.33 25.48
CA PRO D 253 10.39 -2.03 26.54
C PRO D 253 10.79 -2.69 27.85
N SER D 254 10.46 -2.01 28.96
CA SER D 254 11.02 -2.39 30.26
C SER D 254 10.39 -3.67 30.81
N GLY D 255 9.10 -3.88 30.57
CA GLY D 255 8.41 -4.99 31.21
C GLY D 255 8.51 -6.31 30.49
N VAL D 256 8.78 -6.30 29.19
CA VAL D 256 8.70 -7.52 28.40
C VAL D 256 9.96 -8.36 28.56
N PHE D 257 11.13 -7.76 28.35
CA PHE D 257 12.37 -8.52 28.23
C PHE D 257 13.21 -8.42 29.50
N SER D 258 14.15 -9.35 29.62
CA SER D 258 14.97 -9.44 30.82
C SER D 258 15.89 -8.23 30.95
N LEU D 259 16.35 -8.00 32.18
CA LEU D 259 17.21 -6.84 32.42
C LEU D 259 18.58 -7.01 31.75
N GLU D 260 19.06 -8.24 31.64
CA GLU D 260 20.34 -8.49 30.96
C GLU D 260 20.24 -8.22 29.46
N PHE D 261 19.09 -8.53 28.87
CA PHE D 261 18.88 -8.25 27.45
C PHE D 261 18.72 -6.75 27.22
N GLN D 262 18.05 -6.06 28.14
CA GLN D 262 17.94 -4.60 28.05
C GLN D 262 19.30 -3.94 28.15
N ASP D 263 20.12 -4.36 29.12
CA ASP D 263 21.44 -3.77 29.26
C ASP D 263 22.32 -4.09 28.07
N PHE D 264 22.15 -5.26 27.46
CA PHE D 264 22.95 -5.64 26.31
C PHE D 264 22.71 -4.70 25.13
N VAL D 265 21.45 -4.47 24.76
CA VAL D 265 21.20 -3.59 23.63
C VAL D 265 21.58 -2.14 23.96
N ASN D 266 21.37 -1.69 25.20
CA ASN D 266 21.71 -0.31 25.54
C ASN D 266 23.19 -0.05 25.38
N LYS D 267 24.04 -1.04 25.72
CA LYS D 267 25.47 -0.87 25.53
C LYS D 267 25.87 -0.98 24.07
N CYS D 268 25.00 -1.52 23.23
CA CYS D 268 25.19 -1.54 21.78
C CYS D 268 24.77 -0.25 21.11
N LEU D 269 23.92 0.55 21.74
CA LEU D 269 23.28 1.70 21.12
C LEU D 269 23.76 3.02 21.70
N ILE D 270 24.89 3.01 22.40
CA ILE D 270 25.47 4.26 22.88
C ILE D 270 25.98 5.05 21.68
N LYS D 271 25.56 6.32 21.59
CA LYS D 271 25.86 7.11 20.40
C LYS D 271 27.35 7.34 20.21
N ASN D 272 28.07 7.56 21.30
CA ASN D 272 29.51 7.71 21.17
C ASN D 272 30.15 6.35 20.91
N PRO D 273 30.90 6.19 19.82
CA PRO D 273 31.45 4.85 19.52
C PRO D 273 32.55 4.42 20.48
N ALA D 274 33.26 5.34 21.12
CA ALA D 274 34.32 4.93 22.04
C ALA D 274 33.72 4.39 23.33
N GLU D 275 32.67 5.04 23.85
CA GLU D 275 32.00 4.57 25.06
C GLU D 275 31.08 3.38 24.80
N ARG D 276 30.67 3.18 23.55
CA ARG D 276 29.93 1.99 23.18
C ARG D 276 30.76 0.74 23.51
N ALA D 277 30.07 -0.36 23.85
CA ALA D 277 30.77 -1.59 24.14
C ALA D 277 31.45 -2.12 22.88
N ASP D 278 32.59 -2.80 23.08
CA ASP D 278 33.27 -3.45 21.97
C ASP D 278 32.96 -4.95 22.00
N LEU D 279 33.54 -5.69 21.06
CA LEU D 279 33.26 -7.11 20.95
C LEU D 279 33.68 -7.86 22.21
N LYS D 280 34.88 -7.58 22.73
CA LYS D 280 35.34 -8.27 23.93
C LYS D 280 34.38 -8.07 25.10
N GLN D 281 33.91 -6.83 25.30
CA GLN D 281 32.94 -6.58 26.36
C GLN D 281 31.65 -7.34 26.12
N LEU D 282 31.13 -7.29 24.89
CA LEU D 282 29.87 -7.96 24.60
C LEU D 282 29.98 -9.47 24.76
N MET D 283 31.15 -10.03 24.45
CA MET D 283 31.29 -11.48 24.51
C MET D 283 31.17 -12.02 25.93
N VAL D 284 31.63 -11.26 26.93
CA VAL D 284 31.54 -11.67 28.32
C VAL D 284 30.39 -10.95 29.05
N HIS D 285 29.44 -10.38 28.30
CA HIS D 285 28.29 -9.73 28.90
C HIS D 285 27.34 -10.78 29.47
N ALA D 286 26.61 -10.40 30.53
CA ALA D 286 25.72 -11.35 31.20
C ALA D 286 24.67 -11.93 30.26
N PHE D 287 24.19 -11.14 29.30
CA PHE D 287 23.20 -11.66 28.36
C PHE D 287 23.80 -12.76 27.48
N ILE D 288 25.08 -12.64 27.14
CA ILE D 288 25.72 -13.65 26.31
C ILE D 288 26.08 -14.89 27.14
N LYS D 289 26.56 -14.68 28.37
CA LYS D 289 26.83 -15.80 29.27
C LYS D 289 25.58 -16.66 29.45
N ARG D 290 24.44 -16.02 29.72
CA ARG D 290 23.20 -16.76 29.96
C ARG D 290 22.75 -17.50 28.69
N SER D 291 22.72 -16.81 27.55
CA SER D 291 22.21 -17.42 26.33
C SER D 291 23.14 -18.51 25.81
N ASP D 292 24.45 -18.38 26.05
CA ASP D 292 25.39 -19.40 25.61
C ASP D 292 25.17 -20.71 26.37
N ALA D 293 24.86 -20.61 27.66
CA ALA D 293 24.61 -21.81 28.47
C ALA D 293 23.22 -22.39 28.24
N GLU D 294 22.28 -21.59 27.76
CA GLU D 294 20.93 -22.08 27.50
C GLU D 294 20.93 -23.03 26.31
N GLU D 295 20.26 -24.17 26.47
CA GLU D 295 20.06 -25.12 25.39
C GLU D 295 18.78 -24.74 24.66
N VAL D 296 18.92 -24.27 23.43
CA VAL D 296 17.81 -23.80 22.61
C VAL D 296 17.82 -24.57 21.30
N ASP D 297 16.65 -24.99 20.85
CA ASP D 297 16.53 -25.72 19.59
C ASP D 297 16.24 -24.71 18.48
N PHE D 298 17.30 -24.07 17.99
CA PHE D 298 17.10 -23.04 16.97
C PHE D 298 16.61 -23.66 15.66
N ALA D 299 17.18 -24.79 15.27
CA ALA D 299 16.74 -25.45 14.04
C ALA D 299 15.26 -25.83 14.10
N GLY D 300 14.82 -26.35 15.25
CA GLY D 300 13.41 -26.65 15.41
C GLY D 300 12.54 -25.41 15.33
N TRP D 301 12.94 -24.35 16.05
CA TRP D 301 12.17 -23.11 16.03
C TRP D 301 12.10 -22.53 14.63
N LEU D 302 13.22 -22.57 13.89
CA LEU D 302 13.25 -21.98 12.56
C LEU D 302 12.30 -22.69 11.61
N CYS D 303 12.44 -24.01 11.51
CA CYS D 303 11.61 -24.78 10.58
C CYS D 303 10.14 -24.68 10.97
N SER D 304 9.84 -24.70 12.27
CA SER D 304 8.47 -24.51 12.74
C SER D 304 7.96 -23.12 12.39
N THR D 305 8.83 -22.11 12.46
CA THR D 305 8.41 -20.73 12.20
C THR D 305 8.17 -20.49 10.73
N ILE D 306 8.99 -21.06 9.86
CA ILE D 306 8.88 -20.81 8.43
C ILE D 306 7.88 -21.77 7.79
N GLY D 307 7.87 -23.02 8.24
CA GLY D 307 7.05 -24.03 7.59
C GLY D 307 7.88 -24.88 6.67
N LEU D 308 9.04 -25.33 7.14
CA LEU D 308 9.95 -26.14 6.37
C LEU D 308 9.89 -27.59 6.85
N ASN D 309 10.77 -28.43 6.30
CA ASN D 309 10.84 -29.82 6.70
C ASN D 309 12.25 -30.21 7.14
#